data_3BU2
#
_entry.id   3BU2
#
_cell.length_a   75.902
_cell.length_b   79.795
_cell.length_c   139.135
_cell.angle_alpha   90.00
_cell.angle_beta   90.00
_cell.angle_gamma   90.00
#
_symmetry.space_group_name_H-M   'P 21 21 21'
#
loop_
_entity.id
_entity.type
_entity.pdbx_description
1 polymer 'Putative tRNA-binding protein'
2 water water
#
_entity_poly.entity_id   1
_entity_poly.type   'polypeptide(L)'
_entity_poly.pdbx_seq_one_letter_code
;(MSE)NLFYNKEAVGDVAFLQINPTEGEYNYVTQGDVVEIQNDGEVVGYNIFNASNKATLTGNGHIKLTETLVQAFQKAI
EAAGFTYKLDADFTPKFVVGYVETKDKHPDADKLSVLSVDVATEKLQIVCGAPNVEAGQKVVVAKVGAV(MSE)PSG
(MSE)VIKDAELRGVASSG(MSE)ICS(MSE)KELGLPNAPQEKGI(MSE)VLSDDYTVGQSFFEV
;
_entity_poly.pdbx_strand_id   A,B,C,D
#
# COMPACT_ATOMS: atom_id res chain seq x y z
N MSE A 1 8.97 4.53 -20.99
CA MSE A 1 9.35 5.82 -20.32
C MSE A 1 8.38 6.12 -19.17
O MSE A 1 7.55 5.29 -18.84
CB MSE A 1 9.33 6.97 -21.33
CG MSE A 1 7.97 7.25 -21.96
SE MSE A 1 7.85 6.70 -23.81
CE MSE A 1 7.52 4.80 -23.57
N ASN A 2 8.51 7.30 -18.57
CA ASN A 2 7.65 7.69 -17.46
C ASN A 2 6.67 8.80 -17.84
N LEU A 3 5.51 8.80 -17.20
CA LEU A 3 4.49 9.80 -17.48
C LEU A 3 3.83 10.34 -16.22
N PHE A 4 3.84 11.67 -16.06
CA PHE A 4 3.22 12.32 -14.91
C PHE A 4 2.13 13.24 -15.44
N TYR A 5 1.00 13.25 -14.75
CA TYR A 5 -0.11 14.11 -15.13
C TYR A 5 -0.90 14.44 -13.88
N ASN A 6 -1.50 15.64 -13.87
CA ASN A 6 -2.31 16.06 -12.74
C ASN A 6 -2.94 17.37 -13.14
N LYS A 7 -4.15 17.29 -13.67
CA LYS A 7 -4.87 18.47 -14.15
C LYS A 7 -5.13 19.55 -13.10
N GLU A 8 -5.89 19.20 -12.07
CA GLU A 8 -6.25 20.16 -11.02
C GLU A 8 -5.11 20.62 -10.13
N ALA A 9 -4.08 19.77 -9.94
CA ALA A 9 -2.95 20.12 -9.09
C ALA A 9 -1.97 21.08 -9.76
N VAL A 10 -1.26 20.59 -10.78
CA VAL A 10 -0.29 21.42 -11.48
C VAL A 10 -0.78 22.02 -12.80
N GLY A 11 -1.55 21.26 -13.56
CA GLY A 11 -2.06 21.76 -14.84
C GLY A 11 -2.31 20.70 -15.91
N ASP A 12 -2.98 21.09 -16.99
CA ASP A 12 -3.30 20.16 -18.07
C ASP A 12 -2.07 19.93 -18.96
N VAL A 13 -0.97 19.54 -18.32
CA VAL A 13 0.28 19.28 -19.01
C VAL A 13 0.80 17.89 -18.68
N ALA A 14 1.14 17.12 -19.71
CA ALA A 14 1.68 15.77 -19.54
C ALA A 14 3.19 15.87 -19.56
N PHE A 15 3.84 15.12 -18.67
CA PHE A 15 5.30 15.14 -18.56
C PHE A 15 5.88 13.77 -18.85
N LEU A 16 6.49 13.65 -20.01
CA LEU A 16 7.11 12.40 -20.41
C LEU A 16 8.59 12.49 -20.18
N GLN A 17 9.13 11.53 -19.45
CA GLN A 17 10.55 11.49 -19.20
C GLN A 17 10.98 10.25 -19.94
N ILE A 18 12.08 10.35 -20.68
CA ILE A 18 12.58 9.22 -21.45
C ILE A 18 14.01 8.88 -21.00
N ASN A 19 14.28 7.58 -20.89
CA ASN A 19 15.60 7.11 -20.51
C ASN A 19 16.31 6.94 -21.84
N PRO A 20 17.45 7.64 -22.03
CA PRO A 20 18.20 7.54 -23.28
C PRO A 20 19.01 6.26 -23.44
N THR A 21 19.43 5.99 -24.68
CA THR A 21 20.23 4.80 -25.01
C THR A 21 21.41 4.68 -24.06
N GLU A 22 21.74 3.46 -23.70
CA GLU A 22 22.86 3.23 -22.81
C GLU A 22 23.89 2.34 -23.47
N GLY A 23 25.16 2.73 -23.39
CA GLY A 23 26.20 1.92 -23.98
C GLY A 23 26.40 0.61 -23.23
N GLU A 24 27.50 -0.05 -23.52
CA GLU A 24 27.84 -1.31 -22.86
C GLU A 24 28.45 -0.97 -21.52
N TYR A 25 28.18 -1.80 -20.52
CA TYR A 25 28.65 -1.60 -19.16
C TYR A 25 30.05 -2.17 -18.94
N ASN A 26 30.85 -1.47 -18.14
CA ASN A 26 32.21 -1.91 -17.84
C ASN A 26 32.29 -2.15 -16.34
N TYR A 27 33.08 -3.14 -15.94
CA TYR A 27 33.19 -3.47 -14.53
C TYR A 27 34.61 -3.45 -14.01
N VAL A 28 34.88 -2.51 -13.11
CA VAL A 28 36.19 -2.38 -12.51
C VAL A 28 36.09 -3.01 -11.12
N THR A 29 36.79 -4.10 -10.91
CA THR A 29 36.75 -4.78 -9.63
C THR A 29 37.99 -4.58 -8.76
N GLN A 30 37.75 -4.32 -7.48
CA GLN A 30 38.81 -4.10 -6.48
C GLN A 30 38.29 -4.58 -5.14
N GLY A 31 38.86 -5.66 -4.64
CA GLY A 31 38.41 -6.18 -3.37
C GLY A 31 36.97 -6.65 -3.44
N ASP A 32 36.15 -6.18 -2.51
CA ASP A 32 34.75 -6.58 -2.48
C ASP A 32 33.83 -5.64 -3.23
N VAL A 33 34.35 -4.53 -3.75
CA VAL A 33 33.47 -3.63 -4.47
C VAL A 33 33.84 -3.57 -5.95
N VAL A 34 32.82 -3.66 -6.79
CA VAL A 34 32.99 -3.62 -8.23
C VAL A 34 32.34 -2.33 -8.69
N GLU A 35 33.12 -1.46 -9.32
CA GLU A 35 32.59 -0.20 -9.80
C GLU A 35 32.12 -0.45 -11.21
N ILE A 36 30.84 -0.19 -11.45
CA ILE A 36 30.31 -0.38 -12.79
C ILE A 36 30.06 0.98 -13.43
N GLN A 37 30.51 1.13 -14.67
CA GLN A 37 30.34 2.39 -15.38
C GLN A 37 29.91 2.23 -16.83
N ASN A 38 29.17 3.21 -17.32
CA ASN A 38 28.69 3.23 -18.70
C ASN A 38 29.31 4.47 -19.33
N ASP A 39 30.17 4.27 -20.33
CA ASP A 39 30.90 5.36 -20.97
C ASP A 39 32.01 5.70 -20.01
N GLY A 40 32.02 6.94 -19.53
CA GLY A 40 33.04 7.34 -18.59
C GLY A 40 32.44 7.58 -17.21
N GLU A 41 31.11 7.70 -17.14
CA GLU A 41 30.42 7.93 -15.88
C GLU A 41 30.19 6.64 -15.12
N VAL A 42 30.24 6.71 -13.79
CA VAL A 42 29.98 5.54 -12.96
C VAL A 42 28.46 5.46 -12.88
N VAL A 43 27.91 4.27 -13.07
CA VAL A 43 26.46 4.10 -13.05
C VAL A 43 26.00 3.16 -11.96
N GLY A 44 26.93 2.74 -11.11
CA GLY A 44 26.56 1.85 -10.04
C GLY A 44 27.70 1.13 -9.35
N TYR A 45 27.34 0.31 -8.37
CA TYR A 45 28.29 -0.46 -7.59
C TYR A 45 27.66 -1.76 -7.13
N ASN A 46 28.50 -2.79 -7.02
CA ASN A 46 28.09 -4.09 -6.51
C ASN A 46 29.10 -4.32 -5.42
N ILE A 47 28.70 -4.12 -4.17
CA ILE A 47 29.63 -4.35 -3.08
C ILE A 47 29.22 -5.69 -2.46
N PHE A 48 30.17 -6.61 -2.44
CA PHE A 48 29.94 -7.96 -1.92
C PHE A 48 30.24 -8.06 -0.44
N ASN A 49 29.60 -9.02 0.22
CA ASN A 49 29.74 -9.20 1.67
C ASN A 49 29.32 -7.89 2.30
N ALA A 50 28.30 -7.28 1.70
CA ALA A 50 27.80 -6.00 2.18
C ALA A 50 27.36 -6.08 3.65
N SER A 51 26.93 -7.26 4.08
CA SER A 51 26.48 -7.42 5.45
C SER A 51 27.57 -7.12 6.47
N ASN A 52 28.82 -7.36 6.11
CA ASN A 52 29.91 -7.09 7.04
C ASN A 52 30.54 -5.74 6.77
N LYS A 53 29.83 -4.90 6.03
CA LYS A 53 30.29 -3.55 5.70
C LYS A 53 29.23 -2.53 6.04
N ALA A 54 28.01 -3.00 6.26
CA ALA A 54 26.91 -2.11 6.59
C ALA A 54 25.78 -2.88 7.26
N THR A 55 24.94 -2.16 8.00
CA THR A 55 23.82 -2.80 8.69
C THR A 55 22.64 -2.85 7.73
N LEU A 56 22.46 -4.00 7.09
CA LEU A 56 21.40 -4.16 6.11
C LEU A 56 20.25 -5.05 6.59
N THR A 57 20.28 -5.43 7.86
CA THR A 57 19.21 -6.28 8.42
C THR A 57 17.96 -5.48 8.73
N HIS A 61 12.55 -3.87 3.01
CA HIS A 61 12.38 -2.88 1.95
C HIS A 61 13.54 -1.87 1.94
N ILE A 62 14.72 -2.36 2.31
CA ILE A 62 15.94 -1.54 2.38
C ILE A 62 15.89 -0.21 1.65
N LYS A 63 15.89 0.89 2.41
CA LYS A 63 15.87 2.24 1.87
C LYS A 63 17.11 3.02 2.29
N LEU A 64 17.74 3.66 1.31
CA LEU A 64 18.95 4.44 1.57
C LEU A 64 18.79 5.50 2.64
N THR A 65 19.79 5.58 3.52
CA THR A 65 19.81 6.56 4.59
C THR A 65 21.19 7.18 4.59
N GLU A 66 21.30 8.38 5.15
CA GLU A 66 22.58 9.07 5.19
C GLU A 66 23.65 8.15 5.79
N THR A 67 23.24 7.32 6.74
CA THR A 67 24.17 6.41 7.38
C THR A 67 24.56 5.19 6.53
N LEU A 68 23.63 4.68 5.72
CA LEU A 68 23.96 3.54 4.85
C LEU A 68 24.91 4.03 3.78
N VAL A 69 24.61 5.19 3.21
CA VAL A 69 25.45 5.77 2.18
C VAL A 69 26.86 5.96 2.75
N GLN A 70 26.94 6.39 4.01
CA GLN A 70 28.23 6.58 4.64
C GLN A 70 28.99 5.26 4.68
N ALA A 71 28.30 4.20 5.09
CA ALA A 71 28.90 2.87 5.16
C ALA A 71 29.42 2.44 3.80
N PHE A 72 28.59 2.59 2.76
CA PHE A 72 29.00 2.21 1.42
C PHE A 72 30.16 3.07 0.93
N GLN A 73 30.08 4.37 1.20
CA GLN A 73 31.12 5.29 0.78
C GLN A 73 32.44 4.86 1.42
N LYS A 74 32.37 4.48 2.69
CA LYS A 74 33.55 4.05 3.40
C LYS A 74 34.13 2.79 2.77
N ALA A 75 33.25 1.92 2.30
CA ALA A 75 33.68 0.66 1.69
C ALA A 75 34.30 0.86 0.31
N ILE A 76 33.68 1.67 -0.54
CA ILE A 76 34.24 1.85 -1.88
C ILE A 76 35.58 2.58 -1.80
N GLU A 77 35.74 3.40 -0.77
CA GLU A 77 36.97 4.16 -0.58
C GLU A 77 38.05 3.20 -0.08
N ALA A 78 37.68 2.31 0.82
CA ALA A 78 38.62 1.34 1.36
C ALA A 78 39.09 0.42 0.27
N ALA A 79 38.31 0.35 -0.82
CA ALA A 79 38.62 -0.51 -1.95
C ALA A 79 39.52 0.23 -2.94
N GLY A 80 39.70 1.52 -2.69
CA GLY A 80 40.57 2.31 -3.55
C GLY A 80 39.92 3.25 -4.52
N PHE A 81 38.59 3.17 -4.67
CA PHE A 81 37.88 4.04 -5.59
C PHE A 81 37.78 5.45 -5.01
N THR A 82 37.78 6.46 -5.88
CA THR A 82 37.72 7.85 -5.44
C THR A 82 36.37 8.52 -5.66
N TYR A 83 35.49 7.86 -6.41
CA TYR A 83 34.16 8.40 -6.66
C TYR A 83 33.48 8.68 -5.31
N LYS A 84 32.62 9.70 -5.27
CA LYS A 84 31.93 10.02 -4.04
C LYS A 84 30.40 10.05 -4.22
N LEU A 85 29.74 9.11 -3.56
CA LEU A 85 28.29 8.96 -3.59
C LEU A 85 27.51 10.21 -3.20
N ASP A 86 26.37 10.44 -3.85
CA ASP A 86 25.54 11.60 -3.49
C ASP A 86 25.10 11.40 -2.04
N ALA A 87 25.51 12.31 -1.16
CA ALA A 87 25.15 12.18 0.25
C ALA A 87 24.39 13.38 0.80
N ASP A 88 23.54 13.96 -0.04
CA ASP A 88 22.75 15.12 0.37
C ASP A 88 21.42 14.62 0.90
N PHE A 89 21.29 14.51 2.21
CA PHE A 89 20.04 14.04 2.79
C PHE A 89 19.23 15.15 3.43
N THR A 90 19.18 16.27 2.72
CA THR A 90 18.41 17.42 3.17
C THR A 90 16.97 17.16 2.73
N PRO A 91 16.00 17.47 3.58
CA PRO A 91 14.59 17.25 3.25
C PRO A 91 14.21 17.89 1.91
N LYS A 92 13.52 17.14 1.06
CA LYS A 92 13.10 17.64 -0.24
C LYS A 92 11.66 18.12 -0.26
N PHE A 93 10.89 17.70 0.73
CA PHE A 93 9.50 18.12 0.84
C PHE A 93 9.47 19.10 2.00
N VAL A 94 9.29 20.39 1.69
CA VAL A 94 9.27 21.37 2.75
C VAL A 94 8.11 22.36 2.69
N VAL A 95 7.97 23.11 3.77
CA VAL A 95 6.93 24.11 3.89
C VAL A 95 7.45 25.37 3.24
N GLY A 96 6.66 25.94 2.34
CA GLY A 96 7.07 27.16 1.68
C GLY A 96 5.98 28.21 1.78
N TYR A 97 6.34 29.46 1.54
CA TYR A 97 5.37 30.55 1.59
C TYR A 97 5.23 31.19 0.20
N VAL A 98 3.99 31.29 -0.28
CA VAL A 98 3.74 31.88 -1.58
C VAL A 98 3.75 33.39 -1.46
N GLU A 99 4.86 34.01 -1.83
CA GLU A 99 5.00 35.45 -1.77
C GLU A 99 4.17 36.15 -2.82
N THR A 100 4.42 35.81 -4.08
CA THR A 100 3.70 36.43 -5.18
C THR A 100 3.12 35.40 -6.15
N LYS A 101 2.05 35.79 -6.83
CA LYS A 101 1.41 34.94 -7.81
C LYS A 101 1.09 35.84 -8.99
N ASP A 102 1.59 35.46 -10.17
CA ASP A 102 1.34 36.25 -11.38
C ASP A 102 0.91 35.37 -12.54
N LYS A 103 0.22 35.96 -13.51
CA LYS A 103 -0.21 35.22 -14.69
C LYS A 103 0.98 34.80 -15.53
N HIS A 104 0.93 33.59 -16.06
CA HIS A 104 2.00 33.08 -16.90
C HIS A 104 1.90 33.91 -18.18
N PRO A 105 3.01 34.54 -18.61
CA PRO A 105 3.00 35.36 -19.83
C PRO A 105 2.25 34.77 -21.02
N ASP A 106 2.37 33.46 -21.23
CA ASP A 106 1.68 32.82 -22.35
C ASP A 106 1.29 31.36 -22.08
N ALA A 107 0.39 31.16 -21.12
CA ALA A 107 -0.10 29.83 -20.77
C ALA A 107 -1.59 29.96 -20.45
N ASP A 108 -1.96 31.08 -19.86
CA ASP A 108 -3.36 31.39 -19.52
C ASP A 108 -3.97 30.74 -18.28
N LYS A 109 -3.83 29.43 -18.13
CA LYS A 109 -4.39 28.78 -16.96
C LYS A 109 -3.30 28.40 -15.96
N LEU A 110 -2.12 28.97 -16.15
CA LEU A 110 -1.00 28.71 -15.27
C LEU A 110 -0.53 30.02 -14.64
N SER A 111 0.03 29.91 -13.44
CA SER A 111 0.54 31.08 -12.74
C SER A 111 2.01 30.80 -12.43
N VAL A 112 2.80 31.85 -12.30
CA VAL A 112 4.19 31.66 -11.93
C VAL A 112 4.21 32.23 -10.52
N LEU A 113 4.77 31.45 -9.60
CA LEU A 113 4.81 31.83 -8.21
C LEU A 113 6.23 32.03 -7.71
N SER A 114 6.36 32.86 -6.69
CA SER A 114 7.65 33.07 -6.05
C SER A 114 7.42 32.53 -4.66
N VAL A 115 8.04 31.40 -4.35
CA VAL A 115 7.86 30.76 -3.08
C VAL A 115 9.08 30.84 -2.18
N ASP A 116 8.89 31.40 -0.99
CA ASP A 116 9.97 31.49 -0.02
C ASP A 116 10.07 30.13 0.65
N VAL A 117 11.27 29.57 0.66
CA VAL A 117 11.45 28.25 1.24
C VAL A 117 12.53 28.30 2.33
N ALA A 118 12.75 29.51 2.84
CA ALA A 118 13.69 29.81 3.91
C ALA A 118 15.14 29.86 3.46
N THR A 119 15.64 28.74 2.96
CA THR A 119 17.03 28.67 2.51
C THR A 119 17.18 29.46 1.22
N GLU A 120 16.07 29.66 0.51
CA GLU A 120 16.11 30.37 -0.76
C GLU A 120 14.70 30.65 -1.24
N LYS A 121 14.60 31.35 -2.36
CA LYS A 121 13.29 31.64 -2.95
C LYS A 121 13.22 30.91 -4.29
N LEU A 122 12.17 30.13 -4.47
CA LEU A 122 12.00 29.35 -5.69
C LEU A 122 10.92 29.89 -6.61
N GLN A 123 11.20 29.89 -7.90
CA GLN A 123 10.19 30.33 -8.85
C GLN A 123 9.62 29.05 -9.41
N ILE A 124 8.38 28.73 -9.06
CA ILE A 124 7.78 27.52 -9.60
C ILE A 124 6.50 27.90 -10.34
N VAL A 125 6.20 27.21 -11.42
CA VAL A 125 4.99 27.47 -12.20
C VAL A 125 3.92 26.50 -11.76
N CYS A 126 2.74 27.03 -11.43
CA CYS A 126 1.65 26.21 -10.94
C CYS A 126 0.31 26.54 -11.59
N GLY A 127 -0.46 25.49 -11.87
CA GLY A 127 -1.76 25.69 -12.49
C GLY A 127 -2.92 25.37 -11.56
N ALA A 128 -2.60 24.98 -10.33
CA ALA A 128 -3.65 24.67 -9.36
C ALA A 128 -4.53 25.89 -9.24
N PRO A 129 -5.85 25.71 -9.39
CA PRO A 129 -6.79 26.83 -9.30
C PRO A 129 -6.93 27.47 -7.93
N ASN A 130 -6.64 26.71 -6.87
CA ASN A 130 -6.77 27.21 -5.50
C ASN A 130 -5.56 27.90 -4.90
N VAL A 131 -4.43 27.93 -5.61
CA VAL A 131 -3.24 28.56 -5.04
C VAL A 131 -3.35 30.08 -5.03
N GLU A 132 -2.84 30.69 -3.95
CA GLU A 132 -2.89 32.14 -3.80
C GLU A 132 -1.72 32.66 -2.96
N ALA A 133 -1.36 33.92 -3.17
CA ALA A 133 -0.27 34.53 -2.41
C ALA A 133 -0.70 34.60 -0.95
N GLY A 134 0.26 34.48 -0.04
CA GLY A 134 -0.07 34.53 1.38
C GLY A 134 -0.29 33.15 1.98
N GLN A 135 -0.37 32.14 1.13
CA GLN A 135 -0.58 30.76 1.57
C GLN A 135 0.71 30.04 1.95
N LYS A 136 0.62 29.12 2.92
CA LYS A 136 1.78 28.33 3.27
C LYS A 136 1.47 27.01 2.63
N VAL A 137 2.44 26.46 1.92
CA VAL A 137 2.23 25.22 1.20
C VAL A 137 3.45 24.34 1.23
N VAL A 138 3.30 23.08 0.85
CA VAL A 138 4.44 22.17 0.85
C VAL A 138 4.98 22.01 -0.56
N VAL A 139 6.26 22.34 -0.75
CA VAL A 139 6.87 22.23 -2.06
C VAL A 139 7.85 21.06 -2.17
N ALA A 140 7.77 20.36 -3.29
CA ALA A 140 8.64 19.24 -3.59
C ALA A 140 9.80 19.90 -4.34
N LYS A 141 10.90 20.14 -3.64
CA LYS A 141 12.06 20.78 -4.25
C LYS A 141 12.74 19.89 -5.27
N VAL A 142 13.63 20.50 -6.05
CA VAL A 142 14.39 19.77 -7.06
C VAL A 142 15.11 18.64 -6.34
N GLY A 143 14.98 17.42 -6.87
CA GLY A 143 15.63 16.29 -6.23
C GLY A 143 14.62 15.37 -5.57
N ALA A 144 13.52 15.94 -5.08
CA ALA A 144 12.48 15.16 -4.44
C ALA A 144 12.00 14.06 -5.36
N VAL A 145 11.60 12.94 -4.78
CA VAL A 145 11.09 11.81 -5.54
C VAL A 145 9.60 11.63 -5.27
N MSE A 146 8.79 11.92 -6.28
CA MSE A 146 7.34 11.82 -6.19
C MSE A 146 6.86 10.38 -6.06
O MSE A 146 7.39 9.48 -6.71
CB MSE A 146 6.69 12.44 -7.42
CG MSE A 146 7.12 13.88 -7.66
SE MSE A 146 6.91 15.01 -6.09
CE MSE A 146 5.02 15.42 -6.31
N PRO A 147 5.86 10.15 -5.20
CA PRO A 147 5.32 8.81 -5.00
C PRO A 147 5.02 8.14 -6.34
N SER A 148 4.51 8.94 -7.28
CA SER A 148 4.16 8.45 -8.61
C SER A 148 5.39 8.10 -9.47
N GLY A 149 6.57 8.20 -8.88
CA GLY A 149 7.79 7.89 -9.60
C GLY A 149 8.66 9.06 -10.01
N MSE A 150 8.10 9.97 -10.80
CA MSE A 150 8.83 11.14 -11.29
C MSE A 150 9.76 11.79 -10.27
O MSE A 150 9.49 11.80 -9.07
CB MSE A 150 7.86 12.20 -11.80
CG MSE A 150 8.50 13.55 -12.01
SE MSE A 150 7.32 14.89 -12.72
CE MSE A 150 8.41 15.46 -14.23
N VAL A 151 10.88 12.31 -10.77
CA VAL A 151 11.87 12.99 -9.95
C VAL A 151 11.88 14.46 -10.34
N ILE A 152 11.54 15.33 -9.39
CA ILE A 152 11.49 16.76 -9.65
C ILE A 152 12.83 17.26 -10.14
N LYS A 153 12.83 17.97 -11.26
CA LYS A 153 14.04 18.52 -11.85
C LYS A 153 13.90 20.00 -12.12
N ASP A 154 15.01 20.65 -12.44
CA ASP A 154 14.97 22.08 -12.77
C ASP A 154 14.29 22.21 -14.12
N ALA A 155 12.97 22.14 -14.09
CA ALA A 155 12.15 22.20 -15.30
C ALA A 155 11.96 23.59 -15.88
N GLU A 156 10.96 23.67 -16.75
CA GLU A 156 10.58 24.90 -17.46
C GLU A 156 9.22 24.62 -18.09
N LEU A 157 8.23 25.45 -17.78
CA LEU A 157 6.90 25.27 -18.33
C LEU A 157 6.54 26.38 -19.30
N ARG A 158 6.45 26.04 -20.57
CA ARG A 158 6.13 26.98 -21.63
C ARG A 158 6.90 28.28 -21.52
N GLY A 159 8.22 28.18 -21.45
CA GLY A 159 9.03 29.38 -21.39
C GLY A 159 9.68 29.75 -20.08
N VAL A 160 8.89 29.91 -19.03
CA VAL A 160 9.43 30.28 -17.73
C VAL A 160 9.92 29.09 -16.91
N ALA A 161 11.06 29.26 -16.25
CA ALA A 161 11.66 28.22 -15.43
C ALA A 161 10.81 27.89 -14.20
N SER A 162 10.88 26.64 -13.77
CA SER A 162 10.12 26.17 -12.61
C SER A 162 11.00 25.22 -11.80
N SER A 163 11.36 25.62 -10.59
CA SER A 163 12.21 24.78 -9.73
C SER A 163 11.48 24.23 -8.52
N GLY A 164 10.74 23.15 -8.73
CA GLY A 164 10.01 22.52 -7.65
C GLY A 164 8.54 22.37 -8.03
N MSE A 165 7.76 21.78 -7.14
CA MSE A 165 6.35 21.59 -7.41
C MSE A 165 5.50 21.78 -6.16
O MSE A 165 5.87 21.33 -5.08
CB MSE A 165 6.10 20.20 -7.96
CG MSE A 165 4.65 19.90 -8.26
SE MSE A 165 4.39 18.07 -8.71
CE MSE A 165 4.96 18.14 -10.58
N ILE A 166 4.37 22.47 -6.30
CA ILE A 166 3.48 22.68 -5.17
C ILE A 166 2.67 21.42 -5.05
N CYS A 167 2.74 20.76 -3.90
CA CYS A 167 2.06 19.49 -3.68
C CYS A 167 0.60 19.50 -3.25
N SER A 168 -0.07 18.39 -3.55
CA SER A 168 -1.47 18.19 -3.19
C SER A 168 -1.50 16.91 -2.34
N MSE A 169 -2.67 16.56 -1.84
CA MSE A 169 -2.82 15.36 -1.03
C MSE A 169 -2.23 14.15 -1.75
O MSE A 169 -1.37 13.46 -1.20
CB MSE A 169 -4.31 15.09 -0.74
CG MSE A 169 -4.97 16.14 0.13
SE MSE A 169 -4.06 16.29 1.85
CE MSE A 169 -5.04 14.92 2.82
N LYS A 170 -2.69 13.92 -2.98
CA LYS A 170 -2.22 12.81 -3.80
C LYS A 170 -0.70 12.78 -3.86
N GLU A 171 -0.11 13.91 -4.23
CA GLU A 171 1.35 14.02 -4.34
C GLU A 171 2.06 13.58 -3.07
N LEU A 172 1.52 13.94 -1.92
CA LEU A 172 2.14 13.58 -0.64
C LEU A 172 1.95 12.10 -0.27
N GLY A 173 1.19 11.35 -1.07
CA GLY A 173 1.00 9.94 -0.79
C GLY A 173 -0.35 9.48 -0.26
N LEU A 174 -1.36 10.34 -0.32
CA LEU A 174 -2.67 9.96 0.18
C LEU A 174 -3.26 8.90 -0.74
N PRO A 175 -3.62 7.73 -0.17
CA PRO A 175 -4.21 6.57 -0.86
C PRO A 175 -5.47 6.86 -1.67
N ASN A 176 -6.49 7.37 -0.99
CA ASN A 176 -7.76 7.68 -1.64
C ASN A 176 -7.82 9.10 -2.20
N ALA A 177 -8.49 9.24 -3.34
CA ALA A 177 -8.64 10.54 -3.98
C ALA A 177 -9.50 11.47 -3.12
N PRO A 178 -8.99 12.67 -2.81
CA PRO A 178 -9.73 13.64 -1.99
C PRO A 178 -10.78 14.38 -2.80
N GLN A 179 -11.83 14.84 -2.13
CA GLN A 179 -12.91 15.60 -2.76
C GLN A 179 -12.32 16.84 -3.42
N GLU A 180 -11.48 17.54 -2.66
CA GLU A 180 -10.81 18.75 -3.13
C GLU A 180 -9.47 18.33 -3.74
N LYS A 181 -9.28 18.62 -5.03
CA LYS A 181 -8.05 18.21 -5.71
C LYS A 181 -6.99 19.25 -6.02
N GLY A 182 -7.17 20.48 -5.54
CA GLY A 182 -6.16 21.49 -5.78
C GLY A 182 -4.96 21.16 -4.91
N ILE A 183 -4.04 22.11 -4.73
CA ILE A 183 -2.89 21.84 -3.88
C ILE A 183 -3.28 22.01 -2.41
N MSE A 184 -2.49 21.46 -1.51
CA MSE A 184 -2.79 21.55 -0.09
C MSE A 184 -2.30 22.82 0.57
O MSE A 184 -1.12 23.16 0.51
CB MSE A 184 -2.19 20.35 0.62
CG MSE A 184 -2.33 20.36 2.13
SE MSE A 184 -1.55 18.74 2.86
CE MSE A 184 0.31 19.23 2.80
N VAL A 185 -3.22 23.53 1.22
CA VAL A 185 -2.91 24.77 1.93
C VAL A 185 -2.78 24.47 3.42
N LEU A 186 -1.59 24.72 3.96
CA LEU A 186 -1.32 24.50 5.39
C LEU A 186 -1.73 25.70 6.22
N SER A 187 -1.91 25.48 7.52
CA SER A 187 -2.29 26.55 8.42
C SER A 187 -1.03 27.29 8.82
N ASP A 188 -1.18 28.51 9.34
CA ASP A 188 -0.03 29.30 9.76
C ASP A 188 0.80 28.58 10.79
N ASP A 189 0.21 27.57 11.43
CA ASP A 189 0.91 26.78 12.42
C ASP A 189 2.26 26.35 11.85
N TYR A 190 2.25 25.87 10.59
CA TYR A 190 3.47 25.41 9.94
C TYR A 190 4.54 26.48 9.78
N THR A 191 5.80 26.04 9.79
CA THR A 191 6.95 26.92 9.69
C THR A 191 7.65 26.81 8.33
N VAL A 192 7.88 27.95 7.69
CA VAL A 192 8.53 27.96 6.39
C VAL A 192 9.95 27.40 6.54
N GLY A 193 10.34 26.54 5.61
CA GLY A 193 11.66 25.98 5.65
C GLY A 193 11.75 24.62 6.32
N GLN A 194 10.80 24.32 7.19
CA GLN A 194 10.81 23.03 7.87
C GLN A 194 10.33 21.89 6.99
N SER A 195 10.85 20.71 7.26
CA SER A 195 10.47 19.53 6.50
C SER A 195 9.01 19.18 6.78
N PHE A 196 8.31 18.72 5.77
CA PHE A 196 6.92 18.33 5.95
C PHE A 196 6.88 16.95 6.63
N PHE A 197 7.81 16.08 6.27
CA PHE A 197 7.86 14.74 6.85
C PHE A 197 8.84 14.66 8.02
N GLU A 198 8.56 13.73 8.93
CA GLU A 198 9.41 13.53 10.09
C GLU A 198 10.75 12.90 9.68
N MSE B 1 19.61 7.55 -6.83
CA MSE B 1 20.43 6.37 -6.43
C MSE B 1 19.53 5.29 -5.86
O MSE B 1 18.80 5.52 -4.90
CB MSE B 1 21.47 6.77 -5.39
CG MSE B 1 22.58 5.73 -5.17
SE MSE B 1 23.96 6.30 -3.91
CE MSE B 1 24.95 7.54 -5.04
N ASN B 2 19.59 4.10 -6.44
CA ASN B 2 18.77 2.99 -5.97
C ASN B 2 19.63 1.96 -5.22
N LEU B 3 18.99 1.23 -4.32
CA LEU B 3 19.71 0.22 -3.54
C LEU B 3 18.94 -1.07 -3.40
N PHE B 4 19.53 -2.16 -3.88
CA PHE B 4 18.92 -3.47 -3.77
C PHE B 4 19.81 -4.41 -2.98
N TYR B 5 19.18 -5.23 -2.15
CA TYR B 5 19.89 -6.19 -1.33
C TYR B 5 18.86 -7.16 -0.78
N ASN B 6 19.23 -8.43 -0.68
CA ASN B 6 18.33 -9.46 -0.16
C ASN B 6 19.18 -10.70 0.05
N LYS B 7 19.90 -10.72 1.16
CA LYS B 7 20.79 -11.82 1.53
C LYS B 7 20.19 -13.19 1.30
N GLU B 8 18.91 -13.32 1.58
CA GLU B 8 18.19 -14.58 1.44
C GLU B 8 17.96 -15.04 0.01
N ALA B 9 17.25 -14.22 -0.75
CA ALA B 9 16.90 -14.52 -2.13
C ALA B 9 18.01 -14.36 -3.19
N VAL B 10 18.71 -13.24 -3.19
CA VAL B 10 19.77 -13.04 -4.18
C VAL B 10 21.17 -13.44 -3.70
N GLY B 11 21.61 -12.82 -2.61
CA GLY B 11 22.91 -13.11 -2.06
C GLY B 11 23.33 -11.95 -1.20
N ASP B 12 24.47 -12.10 -0.53
CA ASP B 12 25.00 -11.04 0.35
C ASP B 12 25.79 -10.07 -0.53
N VAL B 13 25.07 -9.34 -1.39
CA VAL B 13 25.66 -8.34 -2.28
C VAL B 13 24.66 -7.19 -2.47
N ALA B 14 25.14 -5.96 -2.31
CA ALA B 14 24.29 -4.77 -2.42
C ALA B 14 24.49 -4.05 -3.74
N PHE B 15 23.42 -3.95 -4.52
CA PHE B 15 23.49 -3.29 -5.82
C PHE B 15 23.04 -1.85 -5.75
N LEU B 16 24.00 -0.94 -5.91
CA LEU B 16 23.70 0.49 -5.91
C LEU B 16 23.60 0.94 -7.36
N GLN B 17 22.54 1.69 -7.67
CA GLN B 17 22.41 2.19 -9.03
C GLN B 17 22.46 3.71 -8.97
N ILE B 18 23.29 4.28 -9.84
CA ILE B 18 23.49 5.73 -9.90
C ILE B 18 23.16 6.32 -11.28
N ASN B 19 22.57 7.50 -11.29
CA ASN B 19 22.25 8.16 -12.56
C ASN B 19 23.25 9.31 -12.66
N PRO B 20 24.19 9.22 -13.60
CA PRO B 20 25.18 10.29 -13.77
C PRO B 20 24.53 11.62 -14.09
N THR B 21 24.78 12.61 -13.23
CA THR B 21 24.23 13.96 -13.37
C THR B 21 24.09 14.40 -14.83
N GLU B 22 22.86 14.72 -15.22
CA GLU B 22 22.60 15.15 -16.58
C GLU B 22 23.00 16.61 -16.80
N GLY B 23 23.65 16.89 -17.94
CA GLY B 23 24.06 18.24 -18.25
C GLY B 23 22.87 19.18 -18.36
N GLU B 24 23.07 20.30 -19.03
CA GLU B 24 21.98 21.26 -19.19
C GLU B 24 20.88 20.66 -20.04
N TYR B 25 19.70 21.24 -19.95
CA TYR B 25 18.57 20.77 -20.73
C TYR B 25 18.18 21.85 -21.74
N ASN B 26 17.79 21.42 -22.94
CA ASN B 26 17.38 22.35 -23.99
C ASN B 26 15.91 22.10 -24.30
N TYR B 27 15.18 23.15 -24.63
CA TYR B 27 13.76 23.01 -24.92
C TYR B 27 13.35 23.54 -26.28
N VAL B 28 12.93 22.62 -27.14
CA VAL B 28 12.48 22.97 -28.47
C VAL B 28 10.96 22.96 -28.43
N THR B 29 10.35 24.12 -28.64
CA THR B 29 8.90 24.22 -28.58
C THR B 29 8.23 24.40 -29.94
N GLN B 30 7.15 23.64 -30.14
CA GLN B 30 6.38 23.67 -31.37
C GLN B 30 4.93 23.34 -31.03
N GLY B 31 4.07 24.34 -31.16
CA GLY B 31 2.68 24.12 -30.84
C GLY B 31 2.50 23.79 -29.37
N ASP B 32 1.81 22.70 -29.09
CA ASP B 32 1.55 22.29 -27.71
C ASP B 32 2.59 21.34 -27.14
N VAL B 33 3.53 20.88 -27.96
CA VAL B 33 4.52 19.96 -27.43
C VAL B 33 5.90 20.58 -27.43
N VAL B 34 6.58 20.40 -26.30
CA VAL B 34 7.94 20.92 -26.14
C VAL B 34 8.86 19.73 -26.04
N GLU B 35 9.81 19.63 -26.97
CA GLU B 35 10.75 18.53 -26.95
C GLU B 35 11.91 18.96 -26.09
N ILE B 36 12.19 18.20 -25.05
CA ILE B 36 13.31 18.53 -24.20
C ILE B 36 14.42 17.53 -24.43
N GLN B 37 15.63 18.02 -24.59
CA GLN B 37 16.79 17.16 -24.85
C GLN B 37 18.04 17.57 -24.06
N ASN B 38 18.86 16.58 -23.74
CA ASN B 38 20.10 16.78 -23.01
C ASN B 38 21.20 16.31 -23.96
N ASP B 39 22.06 17.23 -24.38
CA ASP B 39 23.12 16.94 -25.33
C ASP B 39 22.43 16.89 -26.69
N GLY B 40 22.47 15.74 -27.34
CA GLY B 40 21.82 15.60 -28.63
C GLY B 40 20.62 14.67 -28.53
N GLU B 41 20.58 13.88 -27.46
CA GLU B 41 19.49 12.93 -27.24
C GLU B 41 18.25 13.60 -26.64
N VAL B 42 17.07 13.13 -27.04
CA VAL B 42 15.84 13.68 -26.48
C VAL B 42 15.66 12.95 -25.14
N VAL B 43 15.35 13.71 -24.09
CA VAL B 43 15.19 13.11 -22.79
C VAL B 43 13.80 13.27 -22.23
N GLY B 44 12.88 13.79 -23.05
CA GLY B 44 11.53 13.95 -22.57
C GLY B 44 10.65 14.88 -23.39
N TYR B 45 9.40 15.01 -22.95
CA TYR B 45 8.42 15.85 -23.61
C TYR B 45 7.43 16.43 -22.61
N ASN B 46 6.98 17.64 -22.89
CA ASN B 46 5.99 18.31 -22.10
C ASN B 46 4.94 18.66 -23.13
N ILE B 47 3.85 17.89 -23.17
CA ILE B 47 2.81 18.16 -24.14
C ILE B 47 1.69 18.83 -23.34
N PHE B 48 1.33 20.04 -23.75
CA PHE B 48 0.30 20.83 -23.08
C PHE B 48 -1.09 20.56 -23.63
N ASN B 49 -2.10 20.78 -22.79
CA ASN B 49 -3.48 20.53 -23.17
C ASN B 49 -3.57 19.07 -23.51
N ALA B 50 -2.80 18.28 -22.79
CA ALA B 50 -2.76 16.84 -23.02
C ALA B 50 -4.15 16.19 -22.95
N SER B 51 -5.03 16.78 -22.16
CA SER B 51 -6.38 16.23 -22.01
C SER B 51 -7.15 16.19 -23.32
N ASN B 52 -6.87 17.13 -24.23
CA ASN B 52 -7.58 17.15 -25.50
C ASN B 52 -6.75 16.47 -26.58
N LYS B 53 -5.75 15.69 -26.17
CA LYS B 53 -4.88 14.96 -27.10
C LYS B 53 -4.83 13.50 -26.71
N ALA B 54 -5.26 13.19 -25.49
CA ALA B 54 -5.25 11.82 -24.99
C ALA B 54 -6.24 11.65 -23.84
N THR B 55 -6.65 10.42 -23.60
CA THR B 55 -7.59 10.13 -22.52
C THR B 55 -6.77 9.89 -21.25
N LEU B 56 -6.65 10.93 -20.44
CA LEU B 56 -5.88 10.87 -19.22
C LEU B 56 -6.72 10.87 -17.95
N THR B 57 -8.03 10.75 -18.10
CA THR B 57 -8.92 10.71 -16.93
C THR B 57 -8.92 9.34 -16.28
N HIS B 61 -3.26 7.26 -10.96
CA HIS B 61 -1.91 6.72 -11.00
C HIS B 61 -1.45 6.49 -12.46
N ILE B 62 -1.94 7.35 -13.36
CA ILE B 62 -1.62 7.27 -14.78
C ILE B 62 -0.41 6.43 -15.15
N LYS B 63 -0.66 5.31 -15.82
CA LYS B 63 0.38 4.39 -16.26
C LYS B 63 0.35 4.24 -17.77
N LEU B 64 1.53 4.35 -18.40
CA LEU B 64 1.64 4.24 -19.85
C LEU B 64 1.08 2.96 -20.42
N THR B 65 0.37 3.10 -21.54
CA THR B 65 -0.23 1.97 -22.23
C THR B 65 0.07 2.17 -23.71
N GLU B 66 0.08 1.09 -24.47
CA GLU B 66 0.37 1.16 -25.89
C GLU B 66 -0.51 2.24 -26.54
N THR B 67 -1.73 2.39 -26.04
CA THR B 67 -2.66 3.37 -26.59
C THR B 67 -2.36 4.82 -26.19
N LEU B 68 -1.85 5.03 -24.98
CA LEU B 68 -1.50 6.39 -24.56
C LEU B 68 -0.29 6.83 -25.35
N VAL B 69 0.69 5.94 -25.46
CA VAL B 69 1.90 6.23 -26.21
C VAL B 69 1.52 6.58 -27.64
N GLN B 70 0.54 5.88 -28.18
CA GLN B 70 0.09 6.16 -29.55
C GLN B 70 -0.46 7.59 -29.63
N ALA B 71 -1.28 7.96 -28.65
CA ALA B 71 -1.86 9.30 -28.58
C ALA B 71 -0.77 10.35 -28.54
N PHE B 72 0.20 10.16 -27.66
CA PHE B 72 1.31 11.10 -27.52
C PHE B 72 2.16 11.15 -28.78
N GLN B 73 2.41 9.98 -29.37
CA GLN B 73 3.21 9.89 -30.59
C GLN B 73 2.51 10.67 -31.69
N LYS B 74 1.20 10.53 -31.75
CA LYS B 74 0.42 11.23 -32.75
C LYS B 74 0.51 12.75 -32.55
N ALA B 75 0.55 13.16 -31.28
CA ALA B 75 0.62 14.58 -30.96
C ALA B 75 1.98 15.20 -31.25
N ILE B 76 3.06 14.52 -30.88
CA ILE B 76 4.37 15.09 -31.13
C ILE B 76 4.65 15.15 -32.63
N GLU B 77 4.05 14.22 -33.37
CA GLU B 77 4.23 14.18 -34.81
C GLU B 77 3.45 15.33 -35.46
N ALA B 78 2.24 15.55 -34.96
CA ALA B 78 1.39 16.61 -35.47
C ALA B 78 2.04 17.96 -35.19
N ALA B 79 2.96 17.97 -34.23
CA ALA B 79 3.67 19.20 -33.86
C ALA B 79 4.89 19.39 -34.76
N GLY B 80 5.23 18.36 -35.53
CA GLY B 80 6.35 18.46 -36.43
C GLY B 80 7.58 17.69 -36.07
N PHE B 81 7.64 17.17 -34.85
CA PHE B 81 8.80 16.39 -34.41
C PHE B 81 8.83 15.03 -35.09
N THR B 82 10.02 14.50 -35.32
CA THR B 82 10.17 13.20 -35.99
C THR B 82 10.59 12.08 -35.05
N TYR B 83 10.96 12.41 -33.82
CA TYR B 83 11.37 11.39 -32.86
C TYR B 83 10.24 10.38 -32.71
N LYS B 84 10.59 9.13 -32.43
CA LYS B 84 9.57 8.11 -32.25
C LYS B 84 9.66 7.40 -30.92
N LEU B 85 8.65 7.59 -30.08
CA LEU B 85 8.68 7.09 -28.71
C LEU B 85 8.96 5.59 -28.69
N ASP B 86 9.29 5.07 -27.51
CA ASP B 86 9.69 3.68 -27.37
C ASP B 86 8.50 2.73 -27.55
N ALA B 87 8.65 1.51 -27.05
CA ALA B 87 7.55 0.83 -26.38
C ALA B 87 8.07 -0.13 -25.31
N ASP B 88 8.45 -1.34 -25.73
CA ASP B 88 8.46 -2.49 -24.84
C ASP B 88 7.30 -2.43 -23.85
N PHE B 89 6.21 -3.12 -24.17
CA PHE B 89 5.20 -3.46 -23.16
C PHE B 89 5.19 -4.96 -22.88
N THR B 90 6.06 -5.70 -23.57
CA THR B 90 6.27 -7.11 -23.27
C THR B 90 6.47 -7.33 -21.78
N PRO B 91 5.77 -8.33 -21.24
CA PRO B 91 5.89 -8.66 -19.82
C PRO B 91 7.32 -8.86 -19.39
N LYS B 92 7.70 -8.26 -18.27
CA LYS B 92 9.06 -8.36 -17.75
C LYS B 92 9.19 -9.40 -16.65
N PHE B 93 8.07 -9.76 -16.04
CA PHE B 93 8.05 -10.77 -15.00
C PHE B 93 7.45 -12.02 -15.62
N VAL B 94 8.27 -13.03 -15.87
CA VAL B 94 7.75 -14.23 -16.50
C VAL B 94 8.14 -15.52 -15.82
N VAL B 95 7.48 -16.59 -16.26
CA VAL B 95 7.74 -17.92 -15.75
C VAL B 95 8.92 -18.49 -16.52
N GLY B 96 9.92 -18.99 -15.79
CA GLY B 96 11.09 -19.56 -16.42
C GLY B 96 11.38 -20.95 -15.88
N TYR B 97 12.19 -21.71 -16.61
CA TYR B 97 12.54 -23.05 -16.19
C TYR B 97 14.03 -23.14 -15.95
N VAL B 98 14.44 -23.60 -14.77
CA VAL B 98 15.85 -23.72 -14.44
C VAL B 98 16.41 -24.99 -15.04
N GLU B 99 17.08 -24.85 -16.17
CA GLU B 99 17.66 -25.99 -16.87
C GLU B 99 18.85 -26.55 -16.11
N THR B 100 19.85 -25.72 -15.89
CA THR B 100 21.05 -26.15 -15.20
C THR B 100 21.44 -25.21 -14.06
N LYS B 101 22.13 -25.77 -13.08
CA LYS B 101 22.60 -25.00 -11.94
C LYS B 101 24.03 -25.43 -11.70
N ASP B 102 24.95 -24.48 -11.69
CA ASP B 102 26.36 -24.80 -11.46
C ASP B 102 26.98 -23.86 -10.45
N LYS B 103 28.07 -24.29 -9.84
CA LYS B 103 28.78 -23.45 -8.86
C LYS B 103 29.42 -22.27 -9.56
N HIS B 104 29.37 -21.11 -8.92
CA HIS B 104 29.98 -19.90 -9.48
C HIS B 104 31.48 -20.17 -9.36
N PRO B 105 32.23 -20.02 -10.47
CA PRO B 105 33.67 -20.26 -10.47
C PRO B 105 34.43 -19.68 -9.26
N ASP B 106 34.05 -18.48 -8.84
CA ASP B 106 34.72 -17.86 -7.69
C ASP B 106 33.82 -16.94 -6.87
N ALA B 107 32.80 -17.52 -6.23
CA ALA B 107 31.87 -16.79 -5.39
C ALA B 107 31.53 -17.68 -4.19
N ASP B 108 31.48 -18.98 -4.43
CA ASP B 108 31.22 -19.98 -3.39
C ASP B 108 29.78 -20.16 -2.92
N LYS B 109 29.08 -19.09 -2.58
CA LYS B 109 27.70 -19.20 -2.13
C LYS B 109 26.72 -18.77 -3.21
N LEU B 110 27.22 -18.65 -4.44
CA LEU B 110 26.39 -18.26 -5.56
C LEU B 110 26.42 -19.35 -6.63
N SER B 111 25.35 -19.44 -7.40
CA SER B 111 25.26 -20.43 -8.47
C SER B 111 24.95 -19.68 -9.74
N VAL B 112 25.36 -20.22 -10.87
CA VAL B 112 25.05 -19.57 -12.13
C VAL B 112 24.03 -20.53 -12.73
N LEU B 113 22.91 -19.99 -13.15
CA LEU B 113 21.83 -20.79 -13.69
C LEU B 113 21.60 -20.50 -15.16
N SER B 114 21.02 -21.48 -15.84
CA SER B 114 20.64 -21.30 -17.24
C SER B 114 19.14 -21.47 -17.18
N VAL B 115 18.43 -20.37 -17.37
CA VAL B 115 16.97 -20.39 -17.31
C VAL B 115 16.31 -20.23 -18.66
N ASP B 116 15.47 -21.21 -19.00
CA ASP B 116 14.73 -21.17 -20.25
C ASP B 116 13.54 -20.24 -19.98
N VAL B 117 13.35 -19.25 -20.83
CA VAL B 117 12.26 -18.31 -20.65
C VAL B 117 11.37 -18.27 -21.91
N ALA B 118 11.45 -19.35 -22.69
CA ALA B 118 10.68 -19.55 -23.92
C ALA B 118 11.22 -18.79 -25.12
N THR B 119 11.21 -17.47 -25.03
CA THR B 119 11.70 -16.62 -26.11
C THR B 119 13.21 -16.74 -26.22
N GLU B 120 13.85 -17.11 -25.12
CA GLU B 120 15.31 -17.22 -25.09
C GLU B 120 15.76 -17.92 -23.82
N LYS B 121 17.07 -18.11 -23.70
CA LYS B 121 17.62 -18.73 -22.52
C LYS B 121 18.49 -17.67 -21.84
N LEU B 122 18.27 -17.48 -20.55
CA LEU B 122 19.00 -16.47 -19.80
C LEU B 122 19.98 -17.06 -18.82
N GLN B 123 21.16 -16.45 -18.72
CA GLN B 123 22.13 -16.92 -17.76
C GLN B 123 22.04 -15.93 -16.61
N ILE B 124 21.50 -16.35 -15.48
CA ILE B 124 21.40 -15.45 -14.35
C ILE B 124 22.12 -16.08 -13.17
N VAL B 125 22.78 -15.24 -12.37
CA VAL B 125 23.51 -15.71 -11.21
C VAL B 125 22.61 -15.56 -10.00
N CYS B 126 22.48 -16.63 -9.24
CA CYS B 126 21.59 -16.63 -8.08
C CYS B 126 22.24 -17.25 -6.84
N GLY B 127 21.97 -16.65 -5.69
CA GLY B 127 22.53 -17.15 -4.45
C GLY B 127 21.47 -17.76 -3.55
N ALA B 128 20.22 -17.75 -3.99
CA ALA B 128 19.14 -18.31 -3.19
C ALA B 128 19.49 -19.76 -2.87
N PRO B 129 19.47 -20.14 -1.59
CA PRO B 129 19.80 -21.51 -1.20
C PRO B 129 18.82 -22.59 -1.68
N ASN B 130 17.57 -22.22 -1.92
CA ASN B 130 16.56 -23.19 -2.33
C ASN B 130 16.41 -23.44 -3.83
N VAL B 131 17.12 -22.69 -4.66
CA VAL B 131 16.98 -22.88 -6.11
C VAL B 131 17.63 -24.18 -6.59
N GLU B 132 16.98 -24.83 -7.54
CA GLU B 132 17.48 -26.09 -8.09
C GLU B 132 17.04 -26.28 -9.53
N ALA B 133 17.79 -27.09 -10.26
CA ALA B 133 17.47 -27.38 -11.65
C ALA B 133 16.17 -28.17 -11.68
N GLY B 134 15.36 -27.97 -12.73
CA GLY B 134 14.09 -28.67 -12.81
C GLY B 134 12.93 -27.85 -12.25
N GLN B 135 13.25 -26.76 -11.56
CA GLN B 135 12.22 -25.88 -10.98
C GLN B 135 11.67 -24.86 -11.97
N LYS B 136 10.41 -24.49 -11.79
CA LYS B 136 9.81 -23.47 -12.60
C LYS B 136 9.80 -22.29 -11.64
N VAL B 137 10.25 -21.15 -12.13
CA VAL B 137 10.34 -19.98 -11.29
C VAL B 137 9.97 -18.72 -12.06
N VAL B 138 9.77 -17.61 -11.35
CA VAL B 138 9.45 -16.36 -12.02
C VAL B 138 10.69 -15.47 -12.08
N VAL B 139 11.09 -15.11 -13.30
CA VAL B 139 12.26 -14.26 -13.46
C VAL B 139 11.91 -12.83 -13.86
N ALA B 140 12.61 -11.88 -13.24
CA ALA B 140 12.43 -10.47 -13.54
C ALA B 140 13.47 -10.20 -14.62
N LYS B 141 13.02 -10.16 -15.87
CA LYS B 141 13.94 -9.95 -16.99
C LYS B 141 14.52 -8.55 -17.00
N VAL B 142 15.55 -8.36 -17.82
CA VAL B 142 16.19 -7.05 -17.97
C VAL B 142 15.09 -6.07 -18.36
N GLY B 143 15.03 -4.95 -17.66
CA GLY B 143 14.01 -3.96 -17.96
C GLY B 143 12.96 -3.89 -16.88
N ALA B 144 12.69 -5.03 -16.24
CA ALA B 144 11.69 -5.10 -15.18
C ALA B 144 12.02 -4.08 -14.11
N VAL B 145 10.97 -3.56 -13.49
CA VAL B 145 11.13 -2.59 -12.41
C VAL B 145 10.70 -3.21 -11.08
N MSE B 146 11.67 -3.45 -10.22
CA MSE B 146 11.44 -4.05 -8.92
C MSE B 146 10.67 -3.14 -7.99
O MSE B 146 10.90 -1.94 -7.94
CB MSE B 146 12.77 -4.41 -8.27
CG MSE B 146 13.66 -5.31 -9.10
SE MSE B 146 12.77 -6.88 -9.75
CE MSE B 146 12.94 -7.98 -8.16
N PRO B 147 9.73 -3.72 -7.21
CA PRO B 147 8.93 -2.93 -6.27
C PRO B 147 9.82 -2.05 -5.41
N SER B 148 10.98 -2.57 -5.04
CA SER B 148 11.93 -1.83 -4.19
C SER B 148 12.63 -0.69 -4.92
N GLY B 149 12.24 -0.46 -6.18
CA GLY B 149 12.84 0.62 -6.96
C GLY B 149 13.79 0.21 -8.07
N MSE B 150 14.85 -0.51 -7.72
CA MSE B 150 15.84 -0.95 -8.70
C MSE B 150 15.26 -1.42 -10.03
O MSE B 150 14.17 -1.99 -10.10
CB MSE B 150 16.71 -2.06 -8.11
CG MSE B 150 17.51 -2.81 -9.16
SE MSE B 150 18.67 -4.20 -8.48
CE MSE B 150 20.34 -3.60 -9.23
N VAL B 151 16.02 -1.19 -11.09
CA VAL B 151 15.65 -1.60 -12.43
C VAL B 151 16.63 -2.66 -12.90
N ILE B 152 16.14 -3.87 -13.16
CA ILE B 152 17.01 -4.96 -13.59
C ILE B 152 17.75 -4.58 -14.86
N LYS B 153 19.07 -4.77 -14.84
CA LYS B 153 19.91 -4.44 -15.98
C LYS B 153 20.79 -5.62 -16.34
N ASP B 154 21.46 -5.54 -17.49
CA ASP B 154 22.36 -6.61 -17.91
C ASP B 154 23.58 -6.53 -17.01
N ALA B 155 23.43 -7.07 -15.82
CA ALA B 155 24.49 -7.05 -14.81
C ALA B 155 25.61 -8.05 -15.02
N GLU B 156 26.35 -8.27 -13.94
CA GLU B 156 27.49 -9.17 -13.90
C GLU B 156 27.84 -9.32 -12.42
N LEU B 157 27.86 -10.56 -11.92
CA LEU B 157 28.18 -10.81 -10.52
C LEU B 157 29.51 -11.54 -10.38
N ARG B 158 30.50 -10.82 -9.86
CA ARG B 158 31.83 -11.36 -9.65
C ARG B 158 32.35 -12.11 -10.86
N GLY B 159 32.35 -11.45 -12.01
CA GLY B 159 32.88 -12.07 -13.19
C GLY B 159 31.92 -12.58 -14.25
N VAL B 160 30.98 -13.45 -13.87
CA VAL B 160 30.02 -13.98 -14.82
C VAL B 160 28.79 -13.10 -15.00
N ALA B 161 28.35 -12.96 -16.25
CA ALA B 161 27.20 -12.15 -16.61
C ALA B 161 25.89 -12.70 -16.05
N SER B 162 24.96 -11.79 -15.74
CA SER B 162 23.67 -12.16 -15.19
C SER B 162 22.59 -11.29 -15.82
N SER B 163 21.70 -11.90 -16.58
CA SER B 163 20.63 -11.14 -17.24
C SER B 163 19.25 -11.47 -16.69
N GLY B 164 18.91 -10.84 -15.58
CA GLY B 164 17.61 -11.07 -14.95
C GLY B 164 17.79 -11.46 -13.49
N MSE B 165 16.69 -11.65 -12.79
CA MSE B 165 16.76 -12.03 -11.40
C MSE B 165 15.66 -13.03 -11.05
O MSE B 165 14.52 -12.89 -11.51
CB MSE B 165 16.61 -10.80 -10.53
CG MSE B 165 16.65 -11.09 -9.04
SE MSE B 165 16.27 -9.51 -8.01
CE MSE B 165 18.00 -8.66 -8.08
N ILE B 166 16.01 -14.03 -10.26
CA ILE B 166 15.03 -15.01 -9.84
C ILE B 166 14.31 -14.39 -8.66
N CYS B 167 12.99 -14.24 -8.77
CA CYS B 167 12.19 -13.59 -7.74
C CYS B 167 11.70 -14.41 -6.56
N SER B 168 11.41 -13.71 -5.47
CA SER B 168 10.91 -14.31 -4.24
C SER B 168 9.61 -13.59 -3.94
N MSE B 169 8.90 -14.02 -2.90
CA MSE B 169 7.64 -13.39 -2.51
C MSE B 169 7.80 -11.86 -2.40
O MSE B 169 7.06 -11.11 -3.02
CB MSE B 169 7.17 -13.92 -1.17
CG MSE B 169 6.82 -15.41 -1.13
SE MSE B 169 5.43 -15.86 -2.35
CE MSE B 169 3.87 -15.43 -1.31
N LYS B 170 8.78 -11.44 -1.60
CA LYS B 170 9.07 -10.02 -1.39
C LYS B 170 9.21 -9.28 -2.70
N GLU B 171 10.08 -9.79 -3.57
CA GLU B 171 10.32 -9.20 -4.88
C GLU B 171 9.04 -8.99 -5.68
N LEU B 172 8.13 -9.95 -5.63
CA LEU B 172 6.87 -9.83 -6.35
C LEU B 172 5.88 -8.84 -5.74
N GLY B 173 6.22 -8.28 -4.58
CA GLY B 173 5.34 -7.32 -3.94
C GLY B 173 4.57 -7.75 -2.70
N LEU B 174 4.91 -8.89 -2.13
CA LEU B 174 4.21 -9.34 -0.93
C LEU B 174 4.53 -8.41 0.24
N PRO B 175 3.49 -7.82 0.86
CA PRO B 175 3.56 -6.89 1.99
C PRO B 175 4.32 -7.40 3.21
N ASN B 176 3.87 -8.52 3.75
CA ASN B 176 4.50 -9.12 4.93
C ASN B 176 5.61 -10.10 4.59
N ALA B 177 6.65 -10.11 5.43
CA ALA B 177 7.78 -11.00 5.24
C ALA B 177 7.34 -12.44 5.42
N PRO B 178 7.64 -13.31 4.44
CA PRO B 178 7.26 -14.73 4.53
C PRO B 178 8.24 -15.51 5.40
N GLN B 179 7.76 -16.61 5.97
CA GLN B 179 8.60 -17.48 6.82
C GLN B 179 9.77 -17.99 5.99
N GLU B 180 9.47 -18.46 4.79
CA GLU B 180 10.47 -18.98 3.86
C GLU B 180 10.93 -17.81 2.99
N LYS B 181 12.21 -17.48 3.04
CA LYS B 181 12.73 -16.35 2.27
C LYS B 181 13.53 -16.61 1.00
N GLY B 182 13.63 -17.87 0.59
CA GLY B 182 14.34 -18.16 -0.64
C GLY B 182 13.50 -17.66 -1.80
N ILE B 183 13.82 -18.10 -3.02
CA ILE B 183 13.03 -17.66 -4.17
C ILE B 183 11.78 -18.52 -4.24
N MSE B 184 10.78 -18.05 -4.98
CA MSE B 184 9.51 -18.76 -5.10
C MSE B 184 9.51 -19.82 -6.20
O MSE B 184 9.77 -19.52 -7.37
CB MSE B 184 8.40 -17.76 -5.38
CG MSE B 184 7.06 -18.39 -5.64
SE MSE B 184 5.73 -17.02 -5.92
CE MSE B 184 6.16 -16.53 -7.72
N VAL B 185 9.20 -21.05 -5.81
CA VAL B 185 9.12 -22.18 -6.71
C VAL B 185 7.67 -22.43 -7.12
N LEU B 186 7.38 -22.28 -8.41
CA LEU B 186 6.03 -22.50 -8.93
C LEU B 186 5.76 -23.97 -9.23
N SER B 187 4.49 -24.34 -9.30
CA SER B 187 4.13 -25.72 -9.59
C SER B 187 4.19 -25.89 -11.11
N ASP B 188 4.25 -27.13 -11.56
CA ASP B 188 4.29 -27.41 -12.99
C ASP B 188 3.11 -26.82 -13.72
N ASP B 189 2.05 -26.51 -12.98
CA ASP B 189 0.86 -25.93 -13.56
C ASP B 189 1.29 -24.75 -14.45
N TYR B 190 2.19 -23.91 -13.94
CA TYR B 190 2.67 -22.75 -14.69
C TYR B 190 3.35 -23.09 -16.00
N THR B 191 3.23 -22.16 -16.94
CA THR B 191 3.79 -22.33 -18.28
C THR B 191 5.01 -21.42 -18.51
N VAL B 192 6.10 -22.02 -18.99
CA VAL B 192 7.31 -21.25 -19.26
C VAL B 192 7.05 -20.22 -20.35
N GLY B 193 7.52 -19.01 -20.15
CA GLY B 193 7.33 -17.97 -21.13
C GLY B 193 6.15 -17.06 -20.83
N GLN B 194 5.16 -17.56 -20.11
CA GLN B 194 3.99 -16.75 -19.80
C GLN B 194 4.25 -15.71 -18.71
N SER B 195 3.53 -14.61 -18.80
CA SER B 195 3.66 -13.53 -17.83
C SER B 195 3.16 -13.99 -16.48
N PHE B 196 3.81 -13.56 -15.41
CA PHE B 196 3.38 -13.93 -14.07
C PHE B 196 2.18 -13.09 -13.69
N PHE B 197 2.18 -11.84 -14.10
CA PHE B 197 1.08 -10.94 -13.79
C PHE B 197 0.06 -10.86 -14.92
N GLU B 198 -1.20 -10.57 -14.56
CA GLU B 198 -2.26 -10.45 -15.54
C GLU B 198 -2.07 -9.19 -16.39
N MSE C 1 -20.60 -4.09 6.67
CA MSE C 1 -20.40 -5.52 6.30
C MSE C 1 -19.20 -5.71 5.38
O MSE C 1 -18.70 -4.76 4.78
CB MSE C 1 -21.67 -6.07 5.62
CG MSE C 1 -22.28 -5.19 4.54
SE MSE C 1 -24.01 -5.84 3.87
CE MSE C 1 -23.38 -6.81 2.31
N ASN C 2 -18.74 -6.95 5.30
CA ASN C 2 -17.59 -7.29 4.46
C ASN C 2 -18.16 -8.02 3.26
N LEU C 3 -17.28 -8.31 2.31
CA LEU C 3 -17.62 -9.07 1.12
C LEU C 3 -16.36 -9.82 0.71
N PHE C 4 -16.53 -11.02 0.20
CA PHE C 4 -15.40 -11.80 -0.27
C PHE C 4 -15.84 -12.52 -1.52
N TYR C 5 -14.93 -12.58 -2.49
CA TYR C 5 -15.23 -13.25 -3.74
C TYR C 5 -13.96 -13.59 -4.52
N ASN C 6 -13.78 -14.87 -4.79
CA ASN C 6 -12.66 -15.32 -5.60
C ASN C 6 -13.22 -16.50 -6.37
N LYS C 7 -13.85 -16.16 -7.50
CA LYS C 7 -14.47 -17.11 -8.40
C LYS C 7 -13.52 -18.23 -8.77
N GLU C 8 -12.31 -17.85 -9.18
CA GLU C 8 -11.33 -18.84 -9.58
C GLU C 8 -10.67 -19.63 -8.45
N ALA C 9 -10.47 -18.98 -7.30
CA ALA C 9 -9.84 -19.67 -6.16
C ALA C 9 -10.83 -20.40 -5.26
N VAL C 10 -11.90 -19.72 -4.88
CA VAL C 10 -12.88 -20.31 -4.00
C VAL C 10 -14.14 -20.82 -4.68
N GLY C 11 -14.71 -20.00 -5.57
CA GLY C 11 -15.90 -20.42 -6.28
C GLY C 11 -16.77 -19.26 -6.69
N ASP C 12 -17.89 -19.55 -7.36
CA ASP C 12 -18.78 -18.48 -7.76
C ASP C 12 -19.74 -18.25 -6.62
N VAL C 13 -19.18 -18.05 -5.43
CA VAL C 13 -19.98 -17.81 -4.23
C VAL C 13 -19.54 -16.53 -3.55
N ALA C 14 -20.48 -15.62 -3.35
CA ALA C 14 -20.18 -14.37 -2.70
C ALA C 14 -20.54 -14.53 -1.23
N PHE C 15 -19.59 -14.22 -0.35
CA PHE C 15 -19.81 -14.33 1.08
C PHE C 15 -20.03 -12.94 1.68
N LEU C 16 -21.19 -12.72 2.28
CA LEU C 16 -21.45 -11.44 2.94
C LEU C 16 -21.35 -11.71 4.42
N GLN C 17 -20.60 -10.88 5.13
CA GLN C 17 -20.48 -11.01 6.57
C GLN C 17 -21.15 -9.74 7.04
N ILE C 18 -22.12 -9.88 7.93
CA ILE C 18 -22.86 -8.74 8.43
C ILE C 18 -22.61 -8.44 9.89
N ASN C 19 -22.41 -7.15 10.14
CA ASN C 19 -22.14 -6.57 11.46
C ASN C 19 -23.47 -6.36 12.21
N PRO C 20 -23.89 -7.34 13.03
CA PRO C 20 -25.15 -7.29 13.79
C PRO C 20 -25.40 -6.03 14.64
N THR C 21 -26.36 -5.25 14.16
CA THR C 21 -26.78 -3.98 14.75
C THR C 21 -26.84 -3.96 16.29
N GLU C 22 -25.76 -3.46 16.89
CA GLU C 22 -25.67 -3.39 18.35
C GLU C 22 -26.43 -2.19 18.89
N GLY C 23 -27.12 -2.41 20.02
CA GLY C 23 -27.89 -1.33 20.63
C GLY C 23 -27.02 -0.30 21.33
N GLU C 24 -27.23 -0.13 22.63
CA GLU C 24 -26.43 0.84 23.36
C GLU C 24 -25.21 0.22 23.99
N TYR C 25 -24.26 1.08 24.29
CA TYR C 25 -23.03 0.70 24.94
C TYR C 25 -23.09 1.25 26.36
N ASN C 26 -22.54 0.49 27.31
CA ASN C 26 -22.54 0.88 28.70
C ASN C 26 -21.08 1.08 29.13
N TYR C 27 -20.84 2.05 30.01
CA TYR C 27 -19.48 2.32 30.45
C TYR C 27 -19.30 2.23 31.95
N VAL C 28 -18.50 1.26 32.38
CA VAL C 28 -18.20 1.07 33.79
C VAL C 28 -16.80 1.63 34.01
N THR C 29 -16.71 2.71 34.79
CA THR C 29 -15.43 3.33 35.04
C THR C 29 -14.86 3.09 36.43
N GLN C 30 -13.55 2.82 36.48
CA GLN C 30 -12.83 2.55 37.70
C GLN C 30 -11.40 2.97 37.49
N GLY C 31 -11.01 4.04 38.17
CA GLY C 31 -9.64 4.53 38.04
C GLY C 31 -9.38 5.03 36.64
N ASP C 32 -8.31 4.53 36.02
CA ASP C 32 -7.96 4.94 34.68
C ASP C 32 -8.53 4.04 33.60
N VAL C 33 -9.18 2.95 33.97
CA VAL C 33 -9.72 2.10 32.93
C VAL C 33 -11.23 2.09 32.95
N VAL C 34 -11.82 2.22 31.76
CA VAL C 34 -13.26 2.21 31.62
C VAL C 34 -13.60 0.96 30.85
N GLU C 35 -14.42 0.09 31.45
CA GLU C 35 -14.83 -1.12 30.79
C GLU C 35 -16.09 -0.81 30.01
N ILE C 36 -16.06 -1.04 28.71
CA ILE C 36 -17.24 -0.78 27.91
C ILE C 36 -17.85 -2.12 27.48
N GLN C 37 -19.16 -2.25 27.64
CA GLN C 37 -19.85 -3.47 27.28
C GLN C 37 -21.17 -3.23 26.55
N ASN C 38 -21.52 -4.18 25.70
CA ASN C 38 -22.76 -4.14 24.93
C ASN C 38 -23.55 -5.37 25.36
N ASP C 39 -24.69 -5.14 25.99
CA ASP C 39 -25.52 -6.22 26.53
C ASP C 39 -24.84 -6.62 27.83
N GLY C 40 -24.41 -7.88 27.90
CA GLY C 40 -23.73 -8.35 29.09
C GLY C 40 -22.27 -8.61 28.80
N GLU C 41 -21.93 -8.69 27.52
CA GLU C 41 -20.56 -8.95 27.09
C GLU C 41 -19.70 -7.70 27.07
N VAL C 42 -18.42 -7.83 27.41
CA VAL C 42 -17.54 -6.69 27.38
C VAL C 42 -17.11 -6.58 25.92
N VAL C 43 -17.14 -5.37 25.37
CA VAL C 43 -16.80 -5.17 23.97
C VAL C 43 -15.60 -4.25 23.79
N GLY C 44 -14.96 -3.88 24.88
CA GLY C 44 -13.80 -3.02 24.78
C GLY C 44 -13.35 -2.35 26.06
N TYR C 45 -12.28 -1.57 25.95
CA TYR C 45 -11.72 -0.85 27.08
C TYR C 45 -11.09 0.45 26.62
N ASN C 46 -11.15 1.45 27.48
CA ASN C 46 -10.53 2.73 27.23
C ASN C 46 -9.67 2.92 28.45
N ILE C 47 -8.36 2.68 28.33
CA ILE C 47 -7.51 2.84 29.47
C ILE C 47 -6.77 4.17 29.27
N PHE C 48 -6.93 5.07 30.23
CA PHE C 48 -6.33 6.39 30.17
C PHE C 48 -4.94 6.43 30.79
N ASN C 49 -4.13 7.37 30.33
CA ASN C 49 -2.75 7.51 30.77
C ASN C 49 -2.07 6.20 30.46
N ALA C 50 -2.47 5.60 29.34
CA ALA C 50 -1.92 4.33 28.91
C ALA C 50 -0.40 4.37 28.80
N SER C 51 0.16 5.53 28.50
CA SER C 51 1.60 5.67 28.36
C SER C 51 2.35 5.30 29.64
N ASN C 52 1.74 5.55 30.79
CA ASN C 52 2.40 5.23 32.05
C ASN C 52 1.96 3.84 32.56
N LYS C 53 1.35 3.06 31.68
CA LYS C 53 0.89 1.72 32.04
C LYS C 53 1.43 0.70 31.04
N ALA C 54 1.91 1.18 29.90
CA ALA C 54 2.44 0.31 28.87
C ALA C 54 3.37 1.08 27.96
N THR C 55 4.26 0.36 27.28
CA THR C 55 5.20 0.98 26.36
C THR C 55 4.53 1.08 24.99
N LEU C 56 3.96 2.25 24.73
CA LEU C 56 3.26 2.50 23.47
C LEU C 56 4.01 3.39 22.49
N THR C 57 5.26 3.72 22.80
CA THR C 57 6.04 4.56 21.91
C THR C 57 6.59 3.76 20.72
N HIS C 61 2.12 2.51 14.16
CA HIS C 61 1.11 1.55 13.71
C HIS C 61 0.84 0.53 14.82
N ILE C 62 0.94 0.97 16.07
CA ILE C 62 0.73 0.11 17.25
C ILE C 62 -0.02 -1.19 16.99
N LYS C 63 0.69 -2.30 17.14
CA LYS C 63 0.13 -3.64 16.95
C LYS C 63 0.25 -4.47 18.23
N LEU C 64 -0.85 -5.09 18.63
CA LEU C 64 -0.88 -5.89 19.84
C LEU C 64 0.17 -6.99 19.88
N THR C 65 0.78 -7.13 21.04
CA THR C 65 1.80 -8.14 21.27
C THR C 65 1.48 -8.78 22.61
N GLU C 66 1.93 -10.02 22.80
CA GLU C 66 1.68 -10.73 24.05
C GLU C 66 2.05 -9.85 25.25
N THR C 67 3.10 -9.05 25.08
CA THR C 67 3.56 -8.18 26.16
C THR C 67 2.66 -6.94 26.38
N LEU C 68 2.10 -6.39 25.31
CA LEU C 68 1.22 -5.23 25.47
C LEU C 68 -0.05 -5.69 26.16
N VAL C 69 -0.59 -6.81 25.70
CA VAL C 69 -1.79 -7.37 26.28
C VAL C 69 -1.55 -7.62 27.76
N GLN C 70 -0.35 -8.08 28.11
CA GLN C 70 -0.02 -8.32 29.51
C GLN C 70 -0.10 -7.03 30.28
N ALA C 71 0.48 -5.97 29.72
CA ALA C 71 0.46 -4.65 30.35
C ALA C 71 -0.96 -4.17 30.58
N PHE C 72 -1.78 -4.28 29.55
CA PHE C 72 -3.18 -3.85 29.67
C PHE C 72 -3.93 -4.72 30.67
N GLN C 73 -3.70 -6.04 30.62
CA GLN C 73 -4.36 -6.97 31.52
C GLN C 73 -4.02 -6.60 32.96
N LYS C 74 -2.76 -6.24 33.17
CA LYS C 74 -2.31 -5.87 34.51
C LYS C 74 -3.02 -4.60 34.97
N ALA C 75 -3.26 -3.70 34.03
CA ALA C 75 -3.91 -2.45 34.36
C ALA C 75 -5.38 -2.60 34.66
N ILE C 76 -6.10 -3.35 33.84
CA ILE C 76 -7.53 -3.49 34.09
C ILE C 76 -7.77 -4.24 35.39
N GLU C 77 -6.82 -5.11 35.74
CA GLU C 77 -6.93 -5.88 36.96
C GLU C 77 -6.66 -4.99 38.17
N ALA C 78 -5.67 -4.13 38.04
CA ALA C 78 -5.32 -3.19 39.09
C ALA C 78 -6.46 -2.23 39.32
N ALA C 79 -7.34 -2.10 38.32
CA ALA C 79 -8.49 -1.21 38.41
C ALA C 79 -9.66 -1.93 39.07
N GLY C 80 -9.52 -3.24 39.24
CA GLY C 80 -10.56 -4.01 39.89
C GLY C 80 -11.39 -4.92 39.01
N PHE C 81 -11.26 -4.79 37.69
CA PHE C 81 -12.03 -5.62 36.78
C PHE C 81 -11.48 -7.04 36.77
N THR C 82 -12.36 -8.01 36.55
CA THR C 82 -11.96 -9.42 36.54
C THR C 82 -11.91 -10.05 35.15
N TYR C 83 -12.41 -9.33 34.15
CA TYR C 83 -12.39 -9.83 32.79
C TYR C 83 -10.94 -10.16 32.40
N LYS C 84 -10.75 -11.16 31.55
CA LYS C 84 -9.40 -11.51 31.12
C LYS C 84 -9.24 -11.49 29.61
N LEU C 85 -8.41 -10.56 29.14
CA LEU C 85 -8.14 -10.38 27.72
C LEU C 85 -7.74 -11.67 27.00
N ASP C 86 -8.39 -11.87 25.86
CA ASP C 86 -8.24 -13.04 24.98
C ASP C 86 -6.89 -13.10 24.30
N ALA C 87 -6.76 -12.36 23.21
CA ALA C 87 -5.52 -12.29 22.45
C ALA C 87 -5.01 -13.67 22.02
N ASP C 88 -5.44 -14.10 20.83
CA ASP C 88 -4.99 -15.38 20.28
C ASP C 88 -3.80 -15.06 19.37
N PHE C 89 -2.64 -15.65 19.67
CA PHE C 89 -1.45 -15.40 18.88
C PHE C 89 -0.91 -16.57 18.07
N THR C 90 -1.73 -17.62 17.90
CA THR C 90 -1.28 -18.77 17.13
C THR C 90 -1.44 -18.39 15.66
N PRO C 91 -0.46 -18.72 14.82
CA PRO C 91 -0.53 -18.39 13.40
C PRO C 91 -1.82 -18.91 12.78
N LYS C 92 -2.47 -18.07 11.97
CA LYS C 92 -3.72 -18.44 11.32
C LYS C 92 -3.53 -18.85 9.87
N PHE C 93 -2.39 -18.47 9.30
CA PHE C 93 -2.06 -18.83 7.91
C PHE C 93 -0.99 -19.89 8.00
N VAL C 94 -1.35 -21.13 7.71
CA VAL C 94 -0.39 -22.21 7.81
C VAL C 94 -0.32 -23.12 6.59
N VAL C 95 0.70 -23.95 6.59
CA VAL C 95 0.95 -24.91 5.52
C VAL C 95 0.12 -26.14 5.84
N GLY C 96 -0.65 -26.60 4.87
CA GLY C 96 -1.47 -27.77 5.08
C GLY C 96 -1.28 -28.77 3.96
N TYR C 97 -1.67 -30.01 4.21
CA TYR C 97 -1.53 -31.06 3.20
C TYR C 97 -2.91 -31.58 2.80
N VAL C 98 -3.17 -31.58 1.50
CA VAL C 98 -4.46 -32.04 0.99
C VAL C 98 -4.44 -33.55 0.92
N GLU C 99 -5.04 -34.19 1.91
CA GLU C 99 -5.10 -35.63 1.97
C GLU C 99 -6.03 -36.21 0.94
N THR C 100 -7.29 -35.78 0.98
CA THR C 100 -8.29 -36.28 0.06
C THR C 100 -9.07 -35.16 -0.59
N LYS C 101 -9.57 -35.42 -1.80
CA LYS C 101 -10.38 -34.47 -2.55
C LYS C 101 -11.55 -35.25 -3.13
N ASP C 102 -12.77 -34.81 -2.81
CA ASP C 102 -13.96 -35.48 -3.29
C ASP C 102 -14.98 -34.49 -3.86
N LYS C 103 -15.87 -35.00 -4.70
CA LYS C 103 -16.89 -34.15 -5.29
C LYS C 103 -17.89 -33.72 -4.22
N HIS C 104 -18.32 -32.46 -4.30
CA HIS C 104 -19.29 -31.94 -3.35
C HIS C 104 -20.58 -32.68 -3.72
N PRO C 105 -21.25 -33.30 -2.74
CA PRO C 105 -22.50 -34.02 -3.02
C PRO C 105 -23.49 -33.29 -3.92
N ASP C 106 -23.65 -31.98 -3.73
CA ASP C 106 -24.57 -31.22 -4.57
C ASP C 106 -24.15 -29.77 -4.81
N ALA C 107 -23.02 -29.60 -5.52
CA ALA C 107 -22.50 -28.28 -5.87
C ALA C 107 -21.94 -28.34 -7.27
N ASP C 108 -21.37 -29.49 -7.62
CA ASP C 108 -20.83 -29.74 -8.95
C ASP C 108 -19.45 -29.18 -9.29
N LYS C 109 -19.25 -27.89 -9.06
CA LYS C 109 -17.96 -27.30 -9.36
C LYS C 109 -17.14 -27.05 -8.11
N LEU C 110 -17.57 -27.67 -7.01
CA LEU C 110 -16.87 -27.55 -5.74
C LEU C 110 -16.42 -28.92 -5.27
N SER C 111 -15.34 -28.94 -4.52
CA SER C 111 -14.80 -30.17 -3.97
C SER C 111 -14.72 -30.00 -2.46
N VAL C 112 -14.82 -31.11 -1.73
CA VAL C 112 -14.68 -31.02 -0.29
C VAL C 112 -13.33 -31.70 -0.05
N LEU C 113 -12.46 -31.00 0.68
CA LEU C 113 -11.13 -31.50 0.95
C LEU C 113 -10.91 -31.82 2.40
N SER C 114 -9.98 -32.73 2.65
CA SER C 114 -9.61 -33.05 4.01
C SER C 114 -8.14 -32.63 4.05
N VAL C 115 -7.89 -31.54 4.78
CA VAL C 115 -6.54 -30.99 4.87
C VAL C 115 -5.87 -31.20 6.22
N ASP C 116 -4.72 -31.85 6.19
CA ASP C 116 -3.95 -32.10 7.39
C ASP C 116 -3.21 -30.80 7.67
N VAL C 117 -3.36 -30.30 8.89
CA VAL C 117 -2.72 -29.04 9.25
C VAL C 117 -1.83 -29.24 10.50
N ALA C 118 -1.46 -30.50 10.71
CA ALA C 118 -0.60 -30.93 11.82
C ALA C 118 -1.30 -31.01 13.17
N THR C 119 -1.80 -29.88 13.65
CA THR C 119 -2.48 -29.84 14.94
C THR C 119 -3.82 -30.54 14.83
N GLU C 120 -4.35 -30.62 13.61
CA GLU C 120 -5.65 -31.23 13.40
C GLU C 120 -5.89 -31.41 11.91
N LYS C 121 -7.03 -31.99 11.55
CA LYS C 121 -7.40 -32.17 10.15
C LYS C 121 -8.63 -31.33 9.92
N LEU C 122 -8.59 -30.49 8.89
CA LEU C 122 -9.69 -29.62 8.58
C LEU C 122 -10.45 -30.03 7.33
N GLN C 123 -11.76 -29.92 7.39
CA GLN C 123 -12.57 -30.23 6.22
C GLN C 123 -12.94 -28.89 5.63
N ILE C 124 -12.36 -28.54 4.50
CA ILE C 124 -12.70 -27.27 3.89
C ILE C 124 -13.22 -27.52 2.48
N VAL C 125 -14.20 -26.73 2.05
CA VAL C 125 -14.78 -26.87 0.72
C VAL C 125 -14.10 -25.87 -0.19
N CYS C 126 -13.62 -26.36 -1.33
CA CYS C 126 -12.89 -25.53 -2.26
C CYS C 126 -13.33 -25.73 -3.71
N GLY C 127 -13.39 -24.63 -4.45
CA GLY C 127 -13.80 -24.73 -5.85
C GLY C 127 -12.65 -24.45 -6.81
N ALA C 128 -11.47 -24.15 -6.26
CA ALA C 128 -10.32 -23.88 -7.10
C ALA C 128 -10.12 -25.05 -8.06
N PRO C 129 -10.05 -24.78 -9.37
CA PRO C 129 -9.86 -25.85 -10.36
C PRO C 129 -8.54 -26.58 -10.29
N ASN C 130 -7.50 -25.92 -9.77
CA ASN C 130 -6.18 -26.53 -9.72
C ASN C 130 -5.84 -27.32 -8.47
N VAL C 131 -6.72 -27.36 -7.47
CA VAL C 131 -6.42 -28.10 -6.26
C VAL C 131 -6.49 -29.62 -6.47
N GLU C 132 -5.55 -30.33 -5.83
CA GLU C 132 -5.50 -31.78 -5.93
C GLU C 132 -4.93 -32.41 -4.67
N ALA C 133 -5.29 -33.66 -4.43
CA ALA C 133 -4.79 -34.39 -3.26
C ALA C 133 -3.27 -34.57 -3.44
N GLY C 134 -2.54 -34.56 -2.34
CA GLY C 134 -1.10 -34.72 -2.42
C GLY C 134 -0.36 -33.38 -2.44
N GLN C 135 -1.11 -32.29 -2.61
CA GLN C 135 -0.53 -30.96 -2.66
C GLN C 135 -0.35 -30.34 -1.29
N LYS C 136 0.68 -29.51 -1.17
CA LYS C 136 0.91 -28.79 0.09
C LYS C 136 0.41 -27.41 -0.25
N VAL C 137 -0.42 -26.87 0.63
CA VAL C 137 -1.01 -25.56 0.37
C VAL C 137 -1.10 -24.75 1.65
N VAL C 138 -1.37 -23.45 1.52
CA VAL C 138 -1.49 -22.61 2.70
C VAL C 138 -2.96 -22.35 3.02
N VAL C 139 -3.38 -22.73 4.21
CA VAL C 139 -4.77 -22.54 4.59
C VAL C 139 -4.96 -21.42 5.61
N ALA C 140 -6.01 -20.63 5.39
CA ALA C 140 -6.36 -19.54 6.28
C ALA C 140 -7.35 -20.18 7.25
N LYS C 141 -6.86 -20.55 8.43
CA LYS C 141 -7.69 -21.19 9.44
C LYS C 141 -8.75 -20.27 9.99
N VAL C 142 -9.72 -20.85 10.69
CA VAL C 142 -10.79 -20.08 11.32
C VAL C 142 -10.12 -19.04 12.22
N GLY C 143 -10.53 -17.79 12.08
CA GLY C 143 -9.94 -16.74 12.89
C GLY C 143 -9.06 -15.82 12.05
N ALA C 144 -8.43 -16.38 11.03
CA ALA C 144 -7.56 -15.60 10.17
C ALA C 144 -8.32 -14.41 9.62
N VAL C 145 -7.60 -13.32 9.39
CA VAL C 145 -8.19 -12.11 8.84
C VAL C 145 -7.64 -11.87 7.43
N MSE C 146 -8.53 -12.03 6.45
CA MSE C 146 -8.18 -11.87 5.05
C MSE C 146 -7.87 -10.44 4.69
O MSE C 146 -8.52 -9.52 5.17
CB MSE C 146 -9.32 -12.36 4.15
CG MSE C 146 -9.70 -13.80 4.41
SE MSE C 146 -8.14 -14.93 4.37
CE MSE C 146 -8.14 -15.31 2.48
N PRO C 147 -6.85 -10.22 3.84
CA PRO C 147 -6.47 -8.88 3.43
C PRO C 147 -7.69 -8.09 2.94
N SER C 148 -8.59 -8.78 2.25
CA SER C 148 -9.80 -8.17 1.72
C SER C 148 -10.82 -7.82 2.81
N GLY C 149 -10.46 -8.03 4.06
CA GLY C 149 -11.36 -7.71 5.15
C GLY C 149 -12.01 -8.89 5.88
N MSE C 150 -12.75 -9.71 5.14
CA MSE C 150 -13.43 -10.86 5.70
C MSE C 150 -12.62 -11.63 6.74
O MSE C 150 -11.40 -11.71 6.67
CB MSE C 150 -13.86 -11.83 4.59
CG MSE C 150 -14.24 -13.20 5.12
SE MSE C 150 -14.83 -14.44 3.78
CE MSE C 150 -16.54 -14.91 4.54
N VAL C 151 -13.34 -12.19 7.72
CA VAL C 151 -12.74 -12.98 8.79
C VAL C 151 -13.21 -14.42 8.63
N ILE C 152 -12.28 -15.33 8.40
CA ILE C 152 -12.64 -16.74 8.22
C ILE C 152 -13.39 -17.26 9.44
N LYS C 153 -14.55 -17.87 9.19
CA LYS C 153 -15.36 -18.42 10.25
C LYS C 153 -15.71 -19.87 9.98
N ASP C 154 -16.27 -20.56 10.97
CA ASP C 154 -16.67 -21.94 10.79
C ASP C 154 -17.89 -21.94 9.89
N ALA C 155 -17.63 -21.79 8.60
CA ALA C 155 -18.67 -21.73 7.58
C ALA C 155 -19.30 -23.06 7.21
N GLU C 156 -20.02 -23.01 6.09
CA GLU C 156 -20.73 -24.16 5.53
C GLU C 156 -21.11 -23.78 4.10
N LEU C 157 -20.68 -24.57 3.12
CA LEU C 157 -20.99 -24.27 1.72
C LEU C 157 -21.94 -25.30 1.12
N ARG C 158 -23.16 -24.85 0.86
CA ARG C 158 -24.20 -25.69 0.31
C ARG C 158 -24.33 -27.04 1.00
N GLY C 159 -24.48 -27.02 2.31
CA GLY C 159 -24.65 -28.27 3.03
C GLY C 159 -23.49 -28.77 3.88
N VAL C 160 -22.33 -28.94 3.27
CA VAL C 160 -21.17 -29.45 3.99
C VAL C 160 -20.35 -28.35 4.68
N ALA C 161 -19.92 -28.64 5.91
CA ALA C 161 -19.14 -27.70 6.70
C ALA C 161 -17.77 -27.42 6.10
N SER C 162 -17.27 -26.20 6.32
CA SER C 162 -15.98 -25.77 5.80
C SER C 162 -15.25 -24.94 6.86
N SER C 163 -14.14 -25.45 7.38
CA SER C 163 -13.39 -24.75 8.41
C SER C 163 -12.04 -24.26 7.94
N GLY C 164 -12.04 -23.13 7.25
CA GLY C 164 -10.81 -22.55 6.73
C GLY C 164 -10.94 -22.31 5.23
N MSE C 165 -9.89 -21.74 4.65
CA MSE C 165 -9.90 -21.46 3.22
C MSE C 165 -8.53 -21.73 2.60
O MSE C 165 -7.50 -21.39 3.19
CB MSE C 165 -10.29 -20.00 2.99
CG MSE C 165 -10.30 -19.59 1.53
SE MSE C 165 -10.57 -17.69 1.34
CE MSE C 165 -12.52 -17.69 1.56
N ILE C 166 -8.53 -22.34 1.42
CA ILE C 166 -7.28 -22.60 0.71
C ILE C 166 -6.94 -21.30 0.00
N CYS C 167 -5.78 -20.73 0.31
CA CYS C 167 -5.35 -19.45 -0.24
C CYS C 167 -4.68 -19.42 -1.60
N SER C 168 -4.76 -18.25 -2.23
CA SER C 168 -4.16 -18.01 -3.54
C SER C 168 -3.24 -16.82 -3.35
N MSE C 169 -2.50 -16.46 -4.39
CA MSE C 169 -1.61 -15.30 -4.33
C MSE C 169 -2.34 -14.07 -3.78
O MSE C 169 -1.89 -13.47 -2.80
CB MSE C 169 -1.07 -14.98 -5.72
CG MSE C 169 -0.17 -16.04 -6.31
SE MSE C 169 1.35 -16.34 -5.16
CE MSE C 169 2.57 -15.04 -5.87
N LYS C 170 -3.45 -13.73 -4.41
CA LYS C 170 -4.27 -12.58 -4.02
C LYS C 170 -4.60 -12.61 -2.54
N GLU C 171 -5.13 -13.74 -2.08
CA GLU C 171 -5.49 -13.92 -0.69
C GLU C 171 -4.34 -13.62 0.27
N LEU C 172 -3.13 -14.04 -0.11
CA LEU C 172 -1.96 -13.81 0.74
C LEU C 172 -1.46 -12.36 0.71
N GLY C 173 -2.07 -11.52 -0.12
CA GLY C 173 -1.65 -10.12 -0.17
C GLY C 173 -0.87 -9.64 -1.38
N LEU C 174 -0.81 -10.44 -2.44
CA LEU C 174 -0.08 -10.02 -3.63
C LEU C 174 -0.82 -8.86 -4.30
N PRO C 175 -0.13 -7.72 -4.48
CA PRO C 175 -0.65 -6.49 -5.10
C PRO C 175 -1.24 -6.65 -6.49
N ASN C 176 -0.43 -7.15 -7.43
CA ASN C 176 -0.87 -7.35 -8.79
C ASN C 176 -1.51 -8.70 -9.04
N ALA C 177 -2.52 -8.73 -9.91
CA ALA C 177 -3.21 -9.96 -10.24
C ALA C 177 -2.27 -10.91 -11.00
N PRO C 178 -2.16 -12.16 -10.53
CA PRO C 178 -1.28 -13.14 -11.19
C PRO C 178 -1.96 -13.75 -12.41
N GLN C 179 -1.14 -14.23 -13.35
CA GLN C 179 -1.63 -14.87 -14.57
C GLN C 179 -2.46 -16.08 -14.16
N GLU C 180 -1.91 -16.89 -13.26
CA GLU C 180 -2.57 -18.09 -12.76
C GLU C 180 -3.37 -17.70 -11.51
N LYS C 181 -4.69 -17.89 -11.57
CA LYS C 181 -5.55 -17.49 -10.46
C LYS C 181 -6.09 -18.56 -9.51
N GLY C 182 -5.69 -19.81 -9.70
CA GLY C 182 -6.15 -20.85 -8.80
C GLY C 182 -5.48 -20.65 -7.46
N ILE C 183 -5.50 -21.67 -6.59
CA ILE C 183 -4.86 -21.54 -5.30
C ILE C 183 -3.36 -21.80 -5.46
N MSE C 184 -2.58 -21.36 -4.49
CA MSE C 184 -1.14 -21.54 -4.54
C MSE C 184 -0.65 -22.89 -4.04
O MSE C 184 -0.93 -23.28 -2.90
CB MSE C 184 -0.46 -20.43 -3.74
CG MSE C 184 1.04 -20.55 -3.64
SE MSE C 184 1.75 -19.05 -2.67
CE MSE C 184 1.30 -19.62 -0.87
N VAL C 185 0.08 -23.59 -4.89
CA VAL C 185 0.64 -24.90 -4.55
C VAL C 185 2.10 -24.74 -4.14
N LEU C 186 2.41 -25.09 -2.90
CA LEU C 186 3.77 -24.99 -2.37
C LEU C 186 4.59 -26.22 -2.72
N SER C 187 5.91 -26.09 -2.68
CA SER C 187 6.79 -27.21 -2.97
C SER C 187 6.92 -28.03 -1.69
N ASP C 188 7.37 -29.28 -1.83
CA ASP C 188 7.54 -30.17 -0.68
C ASP C 188 8.47 -29.58 0.36
N ASP C 189 9.25 -28.59 -0.06
CA ASP C 189 10.17 -27.92 0.84
C ASP C 189 9.40 -27.49 2.10
N TYR C 190 8.20 -26.93 1.93
CA TYR C 190 7.37 -26.49 3.04
C TYR C 190 6.95 -27.61 3.98
N THR C 191 6.80 -27.24 5.26
CA THR C 191 6.43 -28.18 6.30
C THR C 191 4.99 -27.98 6.79
N VAL C 192 4.23 -29.06 6.83
CA VAL C 192 2.84 -29.00 7.27
C VAL C 192 2.78 -28.55 8.73
N GLY C 193 1.85 -27.65 9.02
CA GLY C 193 1.72 -27.15 10.38
C GLY C 193 2.46 -25.85 10.64
N GLN C 194 3.50 -25.57 9.87
CA GLN C 194 4.26 -24.35 10.06
C GLN C 194 3.56 -23.12 9.51
N SER C 195 3.80 -21.98 10.15
CA SER C 195 3.22 -20.73 9.73
C SER C 195 3.77 -20.33 8.37
N PHE C 196 2.93 -19.74 7.54
CA PHE C 196 3.36 -19.30 6.22
C PHE C 196 4.13 -17.99 6.39
N PHE C 197 3.67 -17.14 7.29
CA PHE C 197 4.33 -15.85 7.54
C PHE C 197 5.32 -15.91 8.69
N GLU C 198 6.33 -15.04 8.64
CA GLU C 198 7.35 -14.98 9.67
C GLU C 198 6.76 -14.41 10.95
N MSE D 1 -9.06 -9.13 18.78
CA MSE D 1 -9.17 -7.72 19.28
C MSE D 1 -8.13 -6.84 18.62
O MSE D 1 -7.18 -7.34 18.02
CB MSE D 1 -8.99 -7.67 20.80
CG MSE D 1 -7.60 -8.01 21.29
SE MSE D 1 -7.46 -7.92 23.23
CE MSE D 1 -6.81 -6.11 23.40
N ASN D 2 -8.33 -5.53 18.73
CA ASN D 2 -7.45 -4.55 18.13
C ASN D 2 -7.13 -3.39 19.08
N LEU D 3 -6.02 -2.70 18.83
CA LEU D 3 -5.58 -1.59 19.67
C LEU D 3 -5.27 -0.28 18.91
N PHE D 4 -5.97 0.80 19.27
CA PHE D 4 -5.74 2.11 18.65
C PHE D 4 -5.08 3.04 19.69
N TYR D 5 -4.13 3.85 19.23
CA TYR D 5 -3.45 4.80 20.12
C TYR D 5 -2.81 5.90 19.29
N ASN D 6 -3.01 7.14 19.72
CA ASN D 6 -2.47 8.28 19.02
C ASN D 6 -2.40 9.44 20.01
N LYS D 7 -1.34 9.40 20.81
CA LYS D 7 -1.11 10.41 21.82
C LYS D 7 -1.38 11.82 21.29
N GLU D 8 -0.47 12.30 20.47
CA GLU D 8 -0.54 13.62 19.87
C GLU D 8 -1.84 14.02 19.18
N ALA D 9 -2.51 13.11 18.51
CA ALA D 9 -3.74 13.45 17.80
C ALA D 9 -5.04 13.35 18.59
N VAL D 10 -5.14 12.38 19.49
CA VAL D 10 -6.37 12.24 20.26
C VAL D 10 -6.16 12.35 21.77
N GLY D 11 -5.12 11.70 22.27
CA GLY D 11 -4.86 11.77 23.70
C GLY D 11 -4.11 10.55 24.20
N ASP D 12 -3.65 10.60 25.44
CA ASP D 12 -2.94 9.47 26.02
C ASP D 12 -3.99 8.45 26.43
N VAL D 13 -4.66 7.87 25.44
CA VAL D 13 -5.70 6.88 25.69
C VAL D 13 -5.60 5.70 24.75
N ALA D 14 -5.37 4.53 25.33
CA ALA D 14 -5.28 3.30 24.58
C ALA D 14 -6.69 2.76 24.37
N PHE D 15 -7.06 2.54 23.11
CA PHE D 15 -8.37 2.04 22.74
C PHE D 15 -8.37 0.55 22.45
N LEU D 16 -9.01 -0.23 23.31
CA LEU D 16 -9.11 -1.67 23.11
C LEU D 16 -10.49 -1.99 22.60
N GLN D 17 -10.56 -2.60 21.42
CA GLN D 17 -11.85 -3.01 20.86
C GLN D 17 -11.85 -4.52 20.97
N ILE D 18 -13.00 -5.10 21.33
CA ILE D 18 -13.10 -6.55 21.51
C ILE D 18 -14.35 -7.12 20.86
N ASN D 19 -14.22 -8.27 20.24
CA ASN D 19 -15.34 -8.95 19.61
C ASN D 19 -15.80 -10.05 20.54
N PRO D 20 -17.03 -9.93 21.08
CA PRO D 20 -17.46 -10.99 21.98
C PRO D 20 -17.35 -12.32 21.22
N THR D 21 -17.56 -13.42 21.91
CA THR D 21 -17.48 -14.69 21.22
C THR D 21 -18.86 -15.18 20.84
N GLU D 22 -19.03 -15.58 19.59
CA GLU D 22 -20.31 -16.10 19.12
C GLU D 22 -20.30 -17.60 19.33
N GLY D 23 -21.34 -18.24 18.85
CA GLY D 23 -21.44 -19.69 18.96
C GLY D 23 -22.03 -20.24 17.68
N GLU D 24 -22.91 -21.22 17.86
CA GLU D 24 -23.63 -21.93 16.81
C GLU D 24 -24.22 -21.13 15.63
N TYR D 25 -23.77 -21.44 14.40
CA TYR D 25 -24.32 -20.79 13.21
C TYR D 25 -25.39 -21.68 12.59
N ASN D 26 -26.46 -21.07 12.09
CA ASN D 26 -27.55 -21.81 11.46
C ASN D 26 -27.61 -21.38 9.99
N TYR D 27 -27.98 -22.30 9.11
CA TYR D 27 -28.04 -22.00 7.69
C TYR D 27 -29.38 -22.29 7.07
N VAL D 28 -30.05 -21.24 6.64
CA VAL D 28 -31.35 -21.35 5.98
C VAL D 28 -31.08 -21.20 4.48
N THR D 29 -31.34 -22.26 3.73
CA THR D 29 -31.09 -22.21 2.30
C THR D 29 -32.36 -22.14 1.46
N GLN D 30 -32.32 -21.28 0.44
CA GLN D 30 -33.43 -21.08 -0.48
C GLN D 30 -32.85 -20.67 -1.82
N GLY D 31 -32.97 -21.54 -2.81
CA GLY D 31 -32.44 -21.23 -4.12
C GLY D 31 -30.94 -21.11 -4.07
N ASP D 32 -30.42 -20.00 -4.58
CA ASP D 32 -28.99 -19.77 -4.62
C ASP D 32 -28.46 -18.98 -3.43
N VAL D 33 -29.34 -18.51 -2.56
CA VAL D 33 -28.84 -17.78 -1.41
C VAL D 33 -29.10 -18.52 -0.11
N VAL D 34 -28.09 -18.57 0.73
CA VAL D 34 -28.17 -19.23 2.02
C VAL D 34 -28.04 -18.14 3.06
N GLU D 35 -29.06 -18.01 3.89
CA GLU D 35 -29.05 -17.01 4.95
C GLU D 35 -28.44 -17.65 6.16
N ILE D 36 -27.36 -17.07 6.65
CA ILE D 36 -26.71 -17.62 7.82
C ILE D 36 -26.98 -16.71 9.00
N GLN D 37 -27.36 -17.30 10.13
CA GLN D 37 -27.65 -16.52 11.32
C GLN D 37 -27.10 -17.15 12.60
N ASN D 38 -26.80 -16.29 13.56
CA ASN D 38 -26.28 -16.70 14.87
C ASN D 38 -27.31 -16.20 15.88
N ASP D 39 -27.95 -17.14 16.57
CA ASP D 39 -29.01 -16.81 17.53
C ASP D 39 -30.23 -16.52 16.68
N GLY D 40 -30.73 -15.30 16.77
CA GLY D 40 -31.88 -14.92 15.98
C GLY D 40 -31.52 -13.91 14.92
N GLU D 41 -30.36 -13.29 15.08
CA GLU D 41 -29.87 -12.27 14.15
C GLU D 41 -29.20 -12.88 12.92
N VAL D 42 -29.35 -12.25 11.77
CA VAL D 42 -28.71 -12.75 10.56
C VAL D 42 -27.29 -12.21 10.63
N VAL D 43 -26.30 -13.06 10.37
CA VAL D 43 -24.92 -12.66 10.45
C VAL D 43 -24.18 -12.76 9.12
N GLY D 44 -24.92 -13.05 8.06
CA GLY D 44 -24.31 -13.15 6.76
C GLY D 44 -25.10 -13.87 5.69
N TYR D 45 -24.51 -13.97 4.52
CA TYR D 45 -25.13 -14.62 3.37
C TYR D 45 -24.09 -15.24 2.47
N ASN D 46 -24.45 -16.35 1.85
CA ASN D 46 -23.60 -17.03 0.90
C ASN D 46 -24.50 -17.12 -0.31
N ILE D 47 -24.29 -16.25 -1.29
CA ILE D 47 -25.12 -16.31 -2.48
C ILE D 47 -24.27 -16.98 -3.56
N PHE D 48 -24.79 -18.09 -4.09
CA PHE D 48 -24.09 -18.85 -5.11
C PHE D 48 -24.42 -18.39 -6.53
N ASN D 49 -23.48 -18.64 -7.45
CA ASN D 49 -23.63 -18.20 -8.82
C ASN D 49 -23.78 -16.70 -8.79
N ALA D 50 -23.08 -16.07 -7.86
CA ALA D 50 -23.11 -14.64 -7.68
C ALA D 50 -22.78 -13.89 -8.97
N SER D 51 -21.93 -14.48 -9.81
CA SER D 51 -21.54 -13.84 -11.05
C SER D 51 -22.72 -13.55 -11.98
N ASN D 52 -23.75 -14.40 -11.93
CA ASN D 52 -24.92 -14.18 -12.77
C ASN D 52 -26.01 -13.42 -12.01
N LYS D 53 -25.63 -12.80 -10.90
CA LYS D 53 -26.58 -12.03 -10.09
C LYS D 53 -26.03 -10.64 -9.81
N ALA D 54 -24.74 -10.46 -10.06
CA ALA D 54 -24.10 -9.18 -9.85
C ALA D 54 -22.80 -9.10 -10.64
N THR D 55 -22.35 -7.88 -10.90
CA THR D 55 -21.11 -7.66 -11.65
C THR D 55 -19.96 -7.67 -10.65
N LEU D 56 -19.31 -8.81 -10.55
CA LEU D 56 -18.21 -9.00 -9.62
C LEU D 56 -16.84 -9.09 -10.30
N THR D 57 -16.78 -8.82 -11.59
CA THR D 57 -15.52 -8.88 -12.32
C THR D 57 -14.69 -7.61 -12.09
N HIS D 61 -10.00 -6.80 -5.61
CA HIS D 61 -10.17 -6.38 -4.22
C HIS D 61 -11.63 -6.00 -3.95
N ILE D 62 -12.55 -6.67 -4.63
CA ILE D 62 -13.99 -6.44 -4.49
C ILE D 62 -14.43 -5.66 -3.24
N LYS D 63 -14.91 -4.44 -3.47
CA LYS D 63 -15.36 -3.57 -2.39
C LYS D 63 -16.84 -3.22 -2.59
N LEU D 64 -17.62 -3.36 -1.53
CA LEU D 64 -19.05 -3.08 -1.58
C LEU D 64 -19.37 -1.67 -2.07
N THR D 65 -20.38 -1.60 -2.92
CA THR D 65 -20.85 -0.33 -3.47
C THR D 65 -22.37 -0.35 -3.36
N GLU D 66 -22.98 0.82 -3.34
CA GLU D 66 -24.43 0.92 -3.25
C GLU D 66 -25.07 0.04 -4.31
N THR D 67 -24.43 -0.08 -5.46
CA THR D 67 -24.95 -0.88 -6.55
C THR D 67 -24.79 -2.39 -6.37
N LEU D 68 -23.69 -2.81 -5.75
CA LEU D 68 -23.49 -4.24 -5.50
C LEU D 68 -24.49 -4.68 -4.44
N VAL D 69 -24.62 -3.88 -3.39
CA VAL D 69 -25.57 -4.18 -2.32
C VAL D 69 -26.96 -4.29 -2.93
N GLN D 70 -27.28 -3.42 -3.89
CA GLN D 70 -28.58 -3.48 -4.53
C GLN D 70 -28.77 -4.82 -5.22
N ALA D 71 -27.74 -5.25 -5.96
CA ALA D 71 -27.77 -6.52 -6.68
C ALA D 71 -28.01 -7.67 -5.71
N PHE D 72 -27.25 -7.69 -4.61
CA PHE D 72 -27.38 -8.75 -3.61
C PHE D 72 -28.74 -8.69 -2.94
N GLN D 73 -29.21 -7.49 -2.63
CA GLN D 73 -30.50 -7.31 -1.99
C GLN D 73 -31.58 -7.87 -2.90
N LYS D 74 -31.46 -7.59 -4.20
CA LYS D 74 -32.43 -8.08 -5.17
C LYS D 74 -32.42 -9.60 -5.23
N ALA D 75 -31.24 -10.19 -5.07
CA ALA D 75 -31.11 -11.65 -5.11
C ALA D 75 -31.66 -12.33 -3.88
N ILE D 76 -31.36 -11.82 -2.68
CA ILE D 76 -31.88 -12.47 -1.48
C ILE D 76 -33.39 -12.34 -1.41
N GLU D 77 -33.92 -11.28 -2.00
CA GLU D 77 -35.35 -11.05 -2.00
C GLU D 77 -36.01 -12.02 -2.98
N ALA D 78 -35.37 -12.20 -4.14
CA ALA D 78 -35.89 -13.09 -5.16
C ALA D 78 -35.88 -14.52 -4.63
N ALA D 79 -35.07 -14.76 -3.60
CA ALA D 79 -34.95 -16.09 -2.99
C ALA D 79 -36.02 -16.26 -1.92
N GLY D 80 -36.69 -15.16 -1.57
CA GLY D 80 -37.75 -15.24 -0.59
C GLY D 80 -37.46 -14.65 0.77
N PHE D 81 -36.21 -14.29 1.04
CA PHE D 81 -35.86 -13.72 2.33
C PHE D 81 -36.35 -12.27 2.41
N THR D 82 -36.69 -11.83 3.62
CA THR D 82 -37.21 -10.48 3.83
C THR D 82 -36.20 -9.52 4.49
N TYR D 83 -35.09 -10.05 4.97
CA TYR D 83 -34.07 -9.23 5.61
C TYR D 83 -33.63 -8.16 4.62
N LYS D 84 -33.24 -6.99 5.13
CA LYS D 84 -32.80 -5.91 4.24
C LYS D 84 -31.41 -5.40 4.59
N LEU D 85 -30.47 -5.61 3.69
CA LEU D 85 -29.07 -5.20 3.85
C LEU D 85 -28.92 -3.71 4.16
N ASP D 86 -28.03 -3.31 5.07
CA ASP D 86 -27.88 -1.88 5.35
C ASP D 86 -27.07 -1.23 4.24
N ALA D 87 -27.67 -0.30 3.52
CA ALA D 87 -26.97 0.37 2.43
C ALA D 87 -27.00 1.89 2.50
N ASP D 88 -26.51 2.47 3.59
CA ASP D 88 -26.51 3.93 3.68
C ASP D 88 -25.55 4.53 2.66
N PHE D 89 -24.26 4.40 2.89
CA PHE D 89 -23.22 4.92 2.00
C PHE D 89 -22.99 6.44 2.05
N THR D 90 -23.57 7.09 3.05
CA THR D 90 -23.37 8.52 3.22
C THR D 90 -21.91 8.66 3.65
N PRO D 91 -21.21 9.69 3.16
CA PRO D 91 -19.80 9.90 3.52
C PRO D 91 -19.61 9.96 5.03
N LYS D 92 -18.60 9.25 5.53
CA LYS D 92 -18.31 9.21 6.95
C LYS D 92 -17.17 10.14 7.35
N PHE D 93 -16.38 10.56 6.37
CA PHE D 93 -15.28 11.48 6.62
C PHE D 93 -15.73 12.82 6.03
N VAL D 94 -16.05 13.78 6.89
CA VAL D 94 -16.51 15.06 6.40
C VAL D 94 -15.84 16.26 7.02
N VAL D 95 -16.08 17.41 6.41
CA VAL D 95 -15.55 18.67 6.86
C VAL D 95 -16.47 19.19 7.94
N GLY D 96 -15.89 19.55 9.08
CA GLY D 96 -16.68 20.07 10.17
C GLY D 96 -16.11 21.39 10.68
N TYR D 97 -16.93 22.13 11.40
CA TYR D 97 -16.49 23.41 11.95
C TYR D 97 -16.49 23.35 13.47
N VAL D 98 -15.36 23.69 14.09
CA VAL D 98 -15.27 23.66 15.54
C VAL D 98 -15.89 24.94 16.12
N GLU D 99 -17.13 24.84 16.58
CA GLU D 99 -17.82 25.97 17.15
C GLU D 99 -17.26 26.39 18.50
N THR D 100 -17.25 25.45 19.43
CA THR D 100 -16.74 25.73 20.77
C THR D 100 -15.74 24.69 21.22
N LYS D 101 -14.84 25.11 22.11
CA LYS D 101 -13.85 24.22 22.69
C LYS D 101 -13.83 24.54 24.18
N ASP D 102 -14.03 23.52 25.01
CA ASP D 102 -14.02 23.70 26.45
C ASP D 102 -13.17 22.63 27.14
N LYS D 103 -12.74 22.93 28.37
CA LYS D 103 -11.94 21.99 29.12
C LYS D 103 -12.80 20.80 29.53
N HIS D 104 -12.23 19.61 29.48
CA HIS D 104 -12.95 18.41 29.89
C HIS D 104 -13.06 18.54 31.40
N PRO D 105 -14.29 18.40 31.93
CA PRO D 105 -14.50 18.52 33.38
C PRO D 105 -13.48 17.79 34.27
N ASP D 106 -13.08 16.59 33.86
CA ASP D 106 -12.09 15.85 34.64
C ASP D 106 -11.19 14.94 33.80
N ALA D 107 -10.37 15.57 32.96
CA ALA D 107 -9.41 14.85 32.12
C ALA D 107 -8.12 15.66 32.06
N ASP D 108 -8.28 16.98 32.08
CA ASP D 108 -7.15 17.92 32.08
C ASP D 108 -6.44 18.21 30.75
N LYS D 109 -6.05 17.17 30.03
CA LYS D 109 -5.38 17.36 28.75
C LYS D 109 -6.30 17.08 27.57
N LEU D 110 -7.59 17.02 27.85
CA LEU D 110 -8.59 16.77 26.82
C LEU D 110 -9.58 17.93 26.80
N SER D 111 -10.14 18.17 25.63
CA SER D 111 -11.13 19.22 25.47
C SER D 111 -12.39 18.58 24.89
N VAL D 112 -13.55 19.17 25.17
CA VAL D 112 -14.77 18.66 24.59
C VAL D 112 -15.12 19.73 23.59
N LEU D 113 -15.38 19.32 22.35
CA LEU D 113 -15.69 20.23 21.27
C LEU D 113 -17.10 20.07 20.77
N SER D 114 -17.64 21.15 20.20
CA SER D 114 -18.96 21.11 19.60
C SER D 114 -18.66 21.40 18.14
N VAL D 115 -18.78 20.37 17.31
CA VAL D 115 -18.48 20.49 15.89
C VAL D 115 -19.70 20.50 14.99
N ASP D 116 -19.84 21.55 14.21
CA ASP D 116 -20.95 21.67 13.28
C ASP D 116 -20.54 20.84 12.07
N VAL D 117 -21.41 19.95 11.64
CA VAL D 117 -21.11 19.08 10.52
C VAL D 117 -22.21 19.19 9.47
N ALA D 118 -22.90 20.33 9.52
CA ALA D 118 -23.98 20.68 8.60
C ALA D 118 -25.30 19.95 8.86
N THR D 119 -25.28 18.62 8.74
CA THR D 119 -26.49 17.83 8.97
C THR D 119 -26.84 17.84 10.45
N GLU D 120 -25.84 18.08 11.28
CA GLU D 120 -26.06 18.06 12.72
C GLU D 120 -24.84 18.63 13.43
N LYS D 121 -24.93 18.70 14.76
CA LYS D 121 -23.81 19.18 15.55
C LYS D 121 -23.34 18.01 16.39
N LEU D 122 -22.04 17.73 16.36
CA LEU D 122 -21.49 16.61 17.11
C LEU D 122 -20.64 17.04 18.28
N GLN D 123 -20.80 16.35 19.41
CA GLN D 123 -19.98 16.65 20.57
C GLN D 123 -18.90 15.59 20.57
N ILE D 124 -17.66 15.98 20.28
CA ILE D 124 -16.59 15.00 20.28
C ILE D 124 -15.49 15.48 21.23
N VAL D 125 -14.87 14.53 21.92
CA VAL D 125 -13.82 14.86 22.88
C VAL D 125 -12.48 14.68 22.17
N CYS D 126 -11.65 15.70 22.24
CA CYS D 126 -10.37 15.67 21.57
C CYS D 126 -9.23 16.16 22.45
N GLY D 127 -8.08 15.53 22.32
CA GLY D 127 -6.93 15.92 23.11
C GLY D 127 -5.83 16.54 22.27
N ALA D 128 -6.05 16.64 20.97
CA ALA D 128 -5.05 17.23 20.07
C ALA D 128 -4.71 18.61 20.60
N PRO D 129 -3.42 18.89 20.82
CA PRO D 129 -3.02 20.20 21.33
C PRO D 129 -3.26 21.38 20.41
N ASN D 130 -3.30 21.14 19.11
CA ASN D 130 -3.48 22.21 18.15
C ASN D 130 -4.92 22.57 17.76
N VAL D 131 -5.91 21.85 18.26
CA VAL D 131 -7.28 22.15 17.91
C VAL D 131 -7.78 23.43 18.59
N GLU D 132 -8.57 24.20 17.86
CA GLU D 132 -9.13 25.44 18.37
C GLU D 132 -10.48 25.78 17.73
N ALA D 133 -11.28 26.56 18.43
CA ALA D 133 -12.57 26.97 17.92
C ALA D 133 -12.33 27.86 16.71
N GLY D 134 -13.23 27.79 15.73
CA GLY D 134 -13.07 28.60 14.54
C GLY D 134 -12.38 27.85 13.40
N GLN D 135 -11.84 26.68 13.72
CA GLN D 135 -11.14 25.87 12.73
C GLN D 135 -12.06 24.96 11.94
N LYS D 136 -11.68 24.69 10.70
CA LYS D 136 -12.44 23.77 9.87
C LYS D 136 -11.59 22.53 9.90
N VAL D 137 -12.21 21.39 10.17
CA VAL D 137 -11.46 20.16 10.29
C VAL D 137 -12.24 18.99 9.71
N VAL D 138 -11.57 17.86 9.50
CA VAL D 138 -12.27 16.71 8.97
C VAL D 138 -12.58 15.72 10.10
N VAL D 139 -13.86 15.40 10.27
CA VAL D 139 -14.27 14.49 11.32
C VAL D 139 -14.69 13.12 10.79
N ALA D 140 -14.25 12.07 11.48
CA ALA D 140 -14.59 10.69 11.14
C ALA D 140 -15.85 10.42 11.95
N LYS D 141 -17.01 10.51 11.30
CA LYS D 141 -18.27 10.32 12.01
C LYS D 141 -18.48 8.89 12.45
N VAL D 142 -19.48 8.68 13.30
CA VAL D 142 -19.80 7.34 13.79
C VAL D 142 -20.07 6.48 12.57
N GLY D 143 -19.42 5.33 12.52
CA GLY D 143 -19.61 4.43 11.38
C GLY D 143 -18.37 4.39 10.50
N ALA D 144 -17.64 5.50 10.45
CA ALA D 144 -16.42 5.58 9.66
C ALA D 144 -15.47 4.45 10.04
N VAL D 145 -14.71 3.97 9.06
CA VAL D 145 -13.74 2.92 9.30
C VAL D 145 -12.33 3.48 9.14
N MSE D 146 -11.63 3.57 10.26
CA MSE D 146 -10.27 4.09 10.29
C MSE D 146 -9.27 3.18 9.59
O MSE D 146 -9.34 1.95 9.72
CB MSE D 146 -9.82 4.29 11.74
CG MSE D 146 -10.72 5.17 12.56
SE MSE D 146 -11.04 6.87 11.70
CE MSE D 146 -9.50 7.81 12.28
N PRO D 147 -8.34 3.77 8.85
CA PRO D 147 -7.33 2.98 8.15
C PRO D 147 -6.68 1.96 9.08
N SER D 148 -6.47 2.36 10.34
CA SER D 148 -5.84 1.50 11.33
C SER D 148 -6.73 0.35 11.79
N GLY D 149 -7.92 0.25 11.18
CA GLY D 149 -8.85 -0.82 11.55
C GLY D 149 -10.06 -0.40 12.35
N MSE D 150 -9.85 0.21 13.51
CA MSE D 150 -10.94 0.65 14.38
C MSE D 150 -12.14 1.27 13.66
O MSE D 150 -11.99 1.93 12.64
CB MSE D 150 -10.43 1.64 15.42
CG MSE D 150 -11.52 2.40 16.13
SE MSE D 150 -10.86 3.57 17.52
CE MSE D 150 -12.02 2.97 18.96
N VAL D 151 -13.32 1.04 14.21
CA VAL D 151 -14.57 1.56 13.67
C VAL D 151 -15.12 2.58 14.65
N ILE D 152 -15.23 3.83 14.24
CA ILE D 152 -15.73 4.89 15.11
C ILE D 152 -17.13 4.54 15.60
N LYS D 153 -17.30 4.60 16.91
CA LYS D 153 -18.59 4.30 17.54
C LYS D 153 -19.02 5.43 18.46
N ASP D 154 -20.26 5.36 18.93
CA ASP D 154 -20.78 6.38 19.84
C ASP D 154 -20.10 6.15 21.18
N ALA D 155 -18.86 6.61 21.27
CA ALA D 155 -18.05 6.46 22.45
C ALA D 155 -18.37 7.39 23.61
N GLU D 156 -17.42 7.44 24.55
CA GLU D 156 -17.50 8.24 25.75
C GLU D 156 -16.09 8.26 26.34
N LEU D 157 -15.54 9.45 26.55
CA LEU D 157 -14.20 9.58 27.12
C LEU D 157 -14.22 10.18 28.52
N ARG D 158 -13.93 9.36 29.50
CA ARG D 158 -13.92 9.78 30.90
C ARG D 158 -15.14 10.57 31.29
N GLY D 159 -16.32 10.01 31.03
CA GLY D 159 -17.53 10.68 31.43
C GLY D 159 -18.39 11.32 30.35
N VAL D 160 -17.80 12.22 29.58
CA VAL D 160 -18.55 12.90 28.52
C VAL D 160 -18.58 12.13 27.21
N ALA D 161 -19.75 12.12 26.57
CA ALA D 161 -19.95 11.42 25.31
C ALA D 161 -19.15 12.03 24.17
N SER D 162 -18.74 11.18 23.22
CA SER D 162 -17.97 11.61 22.07
C SER D 162 -18.45 10.88 20.81
N SER D 163 -19.04 11.62 19.88
CA SER D 163 -19.55 11.02 18.66
C SER D 163 -18.76 11.40 17.42
N GLY D 164 -17.65 10.72 17.20
CA GLY D 164 -16.80 11.00 16.06
C GLY D 164 -15.38 11.27 16.51
N MSE D 165 -14.49 11.48 15.54
CA MSE D 165 -13.11 11.75 15.84
C MSE D 165 -12.51 12.80 14.91
O MSE D 165 -12.75 12.78 13.71
CB MSE D 165 -12.29 10.47 15.74
CG MSE D 165 -10.82 10.67 16.06
SE MSE D 165 -9.79 9.08 15.73
CE MSE D 165 -10.24 8.09 17.31
N ILE D 166 -11.74 13.73 15.49
CA ILE D 166 -11.12 14.76 14.67
C ILE D 166 -9.87 14.09 14.10
N CYS D 167 -9.78 14.07 12.78
CA CYS D 167 -8.67 13.42 12.10
C CYS D 167 -7.38 14.18 11.89
N SER D 168 -6.29 13.42 11.71
CA SER D 168 -4.97 13.96 11.47
C SER D 168 -4.49 13.32 10.16
N MSE D 169 -3.33 13.74 9.68
CA MSE D 169 -2.77 13.19 8.45
C MSE D 169 -2.78 11.66 8.49
O MSE D 169 -3.32 11.02 7.59
CB MSE D 169 -1.33 13.67 8.27
CG MSE D 169 -1.18 15.16 8.04
SE MSE D 169 -2.16 15.78 6.51
CE MSE D 169 -0.85 15.44 5.12
N LYS D 170 -2.17 11.10 9.52
CA LYS D 170 -2.10 9.65 9.72
C LYS D 170 -3.47 8.99 9.58
N GLU D 171 -4.42 9.50 10.36
CA GLU D 171 -5.78 8.98 10.33
C GLU D 171 -6.37 8.92 8.93
N LEU D 172 -6.12 9.95 8.12
CA LEU D 172 -6.63 10.00 6.76
C LEU D 172 -5.91 9.06 5.79
N GLY D 173 -4.87 8.38 6.26
CA GLY D 173 -4.15 7.45 5.40
C GLY D 173 -2.78 7.84 4.87
N LEU D 174 -2.19 8.90 5.42
CA LEU D 174 -0.88 9.32 4.95
C LEU D 174 0.16 8.29 5.37
N PRO D 175 0.90 7.73 4.40
CA PRO D 175 1.95 6.72 4.57
C PRO D 175 3.06 7.07 5.56
N ASN D 176 3.75 8.18 5.30
CA ASN D 176 4.84 8.65 6.16
C ASN D 176 4.38 9.56 7.30
N ALA D 177 5.02 9.41 8.44
CA ALA D 177 4.69 10.22 9.61
C ALA D 177 5.04 11.69 9.34
N PRO D 178 4.07 12.60 9.55
CA PRO D 178 4.31 14.03 9.33
C PRO D 178 5.05 14.67 10.50
N GLN D 179 5.75 15.77 10.22
CA GLN D 179 6.50 16.49 11.23
C GLN D 179 5.53 16.97 12.31
N GLU D 180 4.41 17.55 11.86
CA GLU D 180 3.36 18.05 12.75
C GLU D 180 2.37 16.91 12.95
N LYS D 181 2.19 16.48 14.21
CA LYS D 181 1.28 15.36 14.49
C LYS D 181 -0.10 15.66 15.10
N GLY D 182 -0.46 16.93 15.26
CA GLY D 182 -1.76 17.26 15.80
C GLY D 182 -2.80 16.92 14.73
N ILE D 183 -4.01 17.43 14.87
CA ILE D 183 -5.03 17.14 13.88
C ILE D 183 -4.86 18.10 12.71
N MSE D 184 -5.43 17.75 11.56
CA MSE D 184 -5.32 18.57 10.37
C MSE D 184 -6.32 19.71 10.28
O MSE D 184 -7.54 19.49 10.34
CB MSE D 184 -5.46 17.68 9.14
CG MSE D 184 -5.46 18.44 7.83
SE MSE D 184 -5.60 17.20 6.38
CE MSE D 184 -7.48 16.81 6.45
N VAL D 185 -5.81 20.93 10.15
CA VAL D 185 -6.64 22.12 10.04
C VAL D 185 -6.76 22.51 8.57
N LEU D 186 -8.00 22.51 8.06
CA LEU D 186 -8.27 22.85 6.66
C LEU D 186 -8.43 24.35 6.48
N SER D 187 -8.27 24.82 5.26
CA SER D 187 -8.43 26.25 4.98
C SER D 187 -9.91 26.53 4.80
N ASP D 188 -10.30 27.80 4.90
CA ASP D 188 -11.70 28.18 4.75
C ASP D 188 -12.25 27.74 3.40
N ASP D 189 -11.36 27.45 2.47
CA ASP D 189 -11.78 27.00 1.15
C ASP D 189 -12.79 25.86 1.32
N TYR D 190 -12.49 24.91 2.21
CA TYR D 190 -13.37 23.78 2.47
C TYR D 190 -14.76 24.16 2.95
N THR D 191 -15.74 23.34 2.60
CA THR D 191 -17.14 23.55 2.96
C THR D 191 -17.61 22.57 4.03
N VAL D 192 -18.23 23.11 5.08
CA VAL D 192 -18.73 22.27 6.16
C VAL D 192 -19.84 21.36 5.64
N GLY D 193 -19.76 20.08 6.02
CA GLY D 193 -20.78 19.15 5.58
C GLY D 193 -20.38 18.32 4.37
N GLN D 194 -19.44 18.83 3.58
CA GLN D 194 -18.99 18.10 2.40
C GLN D 194 -18.04 16.98 2.74
N SER D 195 -18.06 15.94 1.92
CA SER D 195 -17.19 14.79 2.10
C SER D 195 -15.74 15.19 1.86
N PHE D 196 -14.83 14.63 2.64
CA PHE D 196 -13.41 14.94 2.47
C PHE D 196 -12.89 14.17 1.27
N PHE D 197 -13.37 12.94 1.09
CA PHE D 197 -12.93 12.11 -0.02
C PHE D 197 -13.89 12.20 -1.23
N GLU D 198 -13.35 11.96 -2.42
CA GLU D 198 -14.13 12.01 -3.64
C GLU D 198 -15.08 10.82 -3.70
#